data_7NE8
#
_entry.id   7NE8
#
_entity_poly.entity_id   1
_entity_poly.type   'polypeptide(L)'
_entity_poly.pdbx_seq_one_letter_code
;DSEFPCPRKQQPAGNSECSYYCEMNGQWKLGKFQNGARCDYNAVKDGVCNEGLCYASGDSASNTQNQGGSRRQENEDQGD
DEWDRK
;
_entity_poly.pdbx_strand_id   A
#
# COMPACT_ATOMS: atom_id res chain seq x y z
N ASP A 1 -11.71 -3.96 -7.56
CA ASP A 1 -12.55 -3.68 -6.35
C ASP A 1 -12.56 -4.88 -5.44
N SER A 2 -12.11 -4.70 -4.16
CA SER A 2 -12.07 -5.78 -3.18
C SER A 2 -12.46 -5.16 -1.86
N GLU A 3 -11.71 -4.12 -1.40
CA GLU A 3 -12.00 -3.43 -0.15
C GLU A 3 -11.41 -2.02 -0.30
N PHE A 4 -11.06 -1.34 0.88
CA PHE A 4 -10.52 0.06 0.92
C PHE A 4 -11.57 1.03 0.30
N PRO A 5 -12.83 1.19 0.88
CA PRO A 5 -13.80 2.11 0.28
C PRO A 5 -13.62 3.58 0.65
N CYS A 6 -13.33 4.42 -0.38
CA CYS A 6 -13.17 5.87 -0.26
C CYS A 6 -12.88 6.34 -1.71
N PRO A 7 -13.05 7.67 -2.08
CA PRO A 7 -12.73 8.16 -3.46
C PRO A 7 -11.23 8.27 -3.69
N ARG A 8 -10.70 8.52 -4.96
CA ARG A 8 -9.23 8.65 -5.13
C ARG A 8 -8.81 9.85 -4.31
N LYS A 9 -7.78 9.59 -3.45
CA LYS A 9 -7.34 10.51 -2.44
C LYS A 9 -6.29 11.49 -2.94
N GLN A 10 -5.73 12.30 -2.01
CA GLN A 10 -4.84 13.39 -2.34
C GLN A 10 -3.52 13.25 -1.56
N GLN A 11 -2.38 13.04 -2.30
CA GLN A 11 -1.06 12.91 -1.67
C GLN A 11 -0.30 14.26 -1.70
N PRO A 12 0.50 14.61 -0.63
CA PRO A 12 1.32 15.85 -0.63
C PRO A 12 2.70 15.65 -1.27
N ALA A 13 3.55 16.73 -1.30
CA ALA A 13 4.91 16.65 -1.88
C ALA A 13 5.83 16.03 -0.84
N GLY A 14 6.86 15.24 -1.32
CA GLY A 14 7.83 14.56 -0.42
C GLY A 14 7.25 13.24 0.02
N ASN A 15 6.36 12.65 -0.85
CA ASN A 15 5.68 11.37 -0.58
C ASN A 15 6.56 10.20 -0.97
N SER A 16 6.30 9.00 -0.36
CA SER A 16 6.96 7.75 -0.75
C SER A 16 6.21 6.63 -0.02
N GLU A 17 4.90 6.28 -0.43
CA GLU A 17 4.09 5.29 0.25
C GLU A 17 2.80 5.54 -0.37
N CYS A 18 1.82 4.62 -0.22
CA CYS A 18 0.52 4.94 -0.68
C CYS A 18 -0.44 4.30 0.27
N SER A 19 -1.25 5.16 0.91
CA SER A 19 -2.32 4.79 1.82
C SER A 19 -3.02 6.03 2.04
N TYR A 20 -4.28 6.01 2.57
CA TYR A 20 -4.77 7.29 2.99
C TYR A 20 -5.63 7.18 4.18
N TYR A 21 -6.17 8.34 4.61
CA TYR A 21 -6.98 8.48 5.78
C TYR A 21 -8.19 9.25 5.39
N CYS A 22 -9.37 8.71 5.78
CA CYS A 22 -10.65 9.28 5.46
C CYS A 22 -11.57 8.58 6.41
N GLU A 23 -12.80 9.10 6.60
CA GLU A 23 -13.76 8.46 7.50
C GLU A 23 -14.89 7.88 6.66
N MET A 24 -14.94 6.49 6.49
CA MET A 24 -16.03 5.86 5.75
C MET A 24 -16.64 4.83 6.67
N ASN A 25 -18.03 4.91 6.81
CA ASN A 25 -18.88 4.01 7.64
C ASN A 25 -18.68 4.26 9.15
N GLY A 26 -18.19 5.49 9.55
CA GLY A 26 -18.02 5.86 10.98
C GLY A 26 -16.71 5.33 11.55
N GLN A 27 -15.81 4.83 10.67
CA GLN A 27 -14.51 4.30 11.07
C GLN A 27 -13.55 4.89 10.15
N TRP A 28 -12.31 5.03 10.65
CA TRP A 28 -11.22 5.60 9.92
C TRP A 28 -10.80 4.54 8.93
N LYS A 29 -10.82 4.88 7.62
CA LYS A 29 -10.49 3.93 6.62
C LYS A 29 -9.37 4.45 5.82
N LEU A 30 -8.71 3.49 5.16
CA LEU A 30 -7.58 3.74 4.34
C LEU A 30 -8.15 3.86 2.95
N GLY A 31 -7.53 4.74 2.10
CA GLY A 31 -8.02 4.99 0.77
C GLY A 31 -6.92 4.73 -0.15
N LYS A 32 -7.17 5.06 -1.43
CA LYS A 32 -6.22 4.76 -2.46
C LYS A 32 -5.93 5.97 -3.31
N PHE A 33 -4.59 6.15 -3.63
CA PHE A 33 -4.09 7.21 -4.54
C PHE A 33 -4.09 6.68 -5.93
N GLN A 34 -3.66 7.54 -6.94
CA GLN A 34 -3.58 7.13 -8.35
C GLN A 34 -2.79 5.83 -8.36
N ASN A 35 -3.46 4.72 -8.82
CA ASN A 35 -2.90 3.36 -8.79
C ASN A 35 -1.46 3.33 -9.29
N GLY A 36 -0.45 3.16 -8.33
CA GLY A 36 0.93 3.09 -8.73
C GLY A 36 1.71 4.34 -8.44
N ALA A 37 1.55 5.07 -7.23
CA ALA A 37 2.40 6.25 -7.00
C ALA A 37 3.83 5.84 -6.66
N ARG A 38 4.77 6.83 -6.60
CA ARG A 38 6.20 6.52 -6.34
C ARG A 38 6.38 6.22 -4.86
N CYS A 39 7.30 5.24 -4.54
CA CYS A 39 7.53 4.76 -3.17
C CYS A 39 8.97 5.06 -2.76
N ASP A 40 9.44 4.47 -1.59
CA ASP A 40 10.83 4.62 -1.08
C ASP A 40 11.74 3.82 -1.99
N TYR A 41 11.07 3.13 -2.95
CA TYR A 41 11.66 2.29 -3.93
C TYR A 41 11.69 3.06 -5.27
N ASN A 42 11.72 4.45 -5.22
CA ASN A 42 11.76 5.31 -6.43
C ASN A 42 13.20 5.47 -6.93
N ALA A 43 14.18 5.74 -6.00
CA ALA A 43 15.58 6.00 -6.39
C ALA A 43 16.48 4.83 -5.98
N VAL A 44 16.02 3.58 -6.27
CA VAL A 44 16.79 2.36 -5.96
C VAL A 44 16.23 1.27 -6.88
N LYS A 45 14.87 1.25 -7.06
CA LYS A 45 14.15 0.30 -7.93
C LYS A 45 13.15 1.18 -8.66
N ASP A 46 12.00 0.61 -9.18
CA ASP A 46 10.93 1.41 -9.82
C ASP A 46 9.86 1.51 -8.74
N GLY A 47 9.22 2.71 -8.56
CA GLY A 47 8.24 2.91 -7.48
C GLY A 47 6.84 2.92 -8.04
N VAL A 48 6.01 1.91 -7.60
CA VAL A 48 4.62 1.76 -8.01
C VAL A 48 3.93 1.38 -6.71
N CYS A 49 3.09 2.28 -6.06
CA CYS A 49 2.42 1.95 -4.81
C CYS A 49 0.94 2.21 -4.82
N ASN A 50 0.15 1.33 -4.07
CA ASN A 50 -1.28 1.55 -3.85
C ASN A 50 -1.84 0.46 -2.96
N GLU A 51 -2.89 0.86 -2.12
CA GLU A 51 -3.64 -0.08 -1.26
C GLU A 51 -2.97 -0.31 0.08
N GLY A 52 -2.58 0.83 0.71
CA GLY A 52 -2.18 0.85 2.10
C GLY A 52 -0.73 0.84 2.47
N LEU A 53 0.22 0.25 1.71
CA LEU A 53 1.61 0.13 2.24
C LEU A 53 2.62 0.55 1.17
N CYS A 54 3.99 0.32 1.38
CA CYS A 54 5.01 0.70 0.40
C CYS A 54 5.26 -0.54 -0.44
N TYR A 55 5.52 -0.33 -1.77
CA TYR A 55 5.66 -1.41 -2.73
C TYR A 55 6.83 -1.11 -3.63
N ALA A 56 7.35 -2.18 -4.31
CA ALA A 56 8.47 -2.06 -5.23
C ALA A 56 8.07 -2.79 -6.49
N SER A 57 8.73 -2.41 -7.63
CA SER A 57 8.45 -3.04 -8.91
C SER A 57 9.75 -3.01 -9.68
N GLY A 58 9.95 -4.00 -10.61
CA GLY A 58 11.16 -4.08 -11.47
C GLY A 58 12.05 -5.19 -10.99
N ASP A 59 12.13 -5.38 -9.64
CA ASP A 59 12.95 -6.44 -9.04
C ASP A 59 12.15 -6.97 -7.88
N SER A 60 12.18 -8.32 -7.69
CA SER A 60 11.47 -8.97 -6.60
C SER A 60 12.40 -10.04 -6.06
N ALA A 61 12.34 -10.27 -4.72
CA ALA A 61 13.19 -11.27 -4.08
C ALA A 61 12.48 -11.67 -2.80
N SER A 62 12.83 -12.88 -2.28
CA SER A 62 12.23 -13.40 -1.04
C SER A 62 13.35 -14.04 -0.28
N ASN A 63 13.24 -14.03 1.08
CA ASN A 63 14.25 -14.60 1.97
C ASN A 63 13.54 -15.62 2.82
N THR A 64 14.32 -16.66 3.28
CA THR A 64 13.80 -17.74 4.11
C THR A 64 14.72 -17.83 5.31
N GLN A 65 14.23 -18.50 6.41
CA GLN A 65 15.00 -18.66 7.65
C GLN A 65 15.78 -19.97 7.55
N ASN A 66 17.13 -19.84 7.34
CA ASN A 66 18.03 -21.00 7.23
C ASN A 66 18.80 -21.15 8.53
N GLN A 67 18.54 -20.22 9.51
CA GLN A 67 19.20 -20.24 10.82
C GLN A 67 18.09 -20.02 11.82
N GLY A 68 18.25 -20.60 13.04
CA GLY A 68 17.25 -20.47 14.09
C GLY A 68 17.75 -21.22 15.27
N GLY A 69 16.95 -21.21 16.38
CA GLY A 69 17.31 -21.91 17.59
C GLY A 69 16.22 -21.65 18.58
N SER A 70 16.37 -22.24 19.81
CA SER A 70 15.37 -22.07 20.87
C SER A 70 16.16 -21.91 22.16
N ARG A 71 15.57 -21.19 23.16
CA ARG A 71 16.20 -20.96 24.45
C ARG A 71 15.18 -21.36 25.50
N ARG A 72 15.65 -22.11 26.55
CA ARG A 72 14.78 -22.57 27.65
C ARG A 72 14.66 -21.46 28.67
N GLN A 73 15.78 -20.71 28.91
CA GLN A 73 15.80 -19.60 29.86
C GLN A 73 16.48 -18.47 29.14
N GLU A 74 16.03 -17.19 29.40
CA GLU A 74 16.59 -15.99 28.75
C GLU A 74 17.51 -15.29 29.74
N ASN A 75 17.55 -15.76 31.02
CA ASN A 75 18.38 -15.15 32.06
C ASN A 75 19.08 -16.27 32.78
N GLU A 76 20.33 -16.00 33.29
CA GLU A 76 21.13 -16.98 34.04
C GLU A 76 21.07 -16.59 35.51
N ASP A 77 20.29 -15.51 35.84
CA ASP A 77 20.14 -15.00 37.21
C ASP A 77 19.08 -15.82 37.93
N GLN A 78 18.07 -16.34 37.13
CA GLN A 78 16.94 -17.18 37.62
C GLN A 78 16.08 -16.41 38.64
N GLY A 79 15.77 -15.13 38.31
CA GLY A 79 14.96 -14.30 39.20
C GLY A 79 14.85 -12.95 38.56
N ASP A 80 14.16 -12.01 39.27
CA ASP A 80 13.96 -10.64 38.80
C ASP A 80 14.64 -9.74 39.81
N ASP A 81 15.31 -8.63 39.30
CA ASP A 81 16.04 -7.69 40.17
C ASP A 81 15.15 -6.47 40.46
N GLU A 82 13.91 -6.44 39.87
CA GLU A 82 12.95 -5.33 40.07
C GLU A 82 12.38 -5.39 41.49
N TRP A 83 12.08 -6.63 41.97
CA TRP A 83 11.53 -6.84 43.32
C TRP A 83 12.65 -6.80 44.35
N ASP A 84 13.86 -7.37 43.96
CA ASP A 84 15.08 -7.43 44.81
C ASP A 84 14.77 -8.27 46.07
N ARG A 85 14.19 -9.48 45.84
CA ARG A 85 13.81 -10.42 46.90
C ARG A 85 14.39 -11.76 46.51
N LYS A 86 14.71 -12.61 47.53
CA LYS A 86 15.26 -13.95 47.31
C LYS A 86 14.39 -14.94 48.12
N ASP A 1 -13.65 -9.32 -5.33
CA ASP A 1 -13.08 -9.25 -3.95
C ASP A 1 -12.16 -8.06 -3.83
N SER A 2 -12.75 -6.87 -3.51
CA SER A 2 -12.00 -5.63 -3.36
C SER A 2 -12.59 -4.92 -2.16
N GLU A 3 -11.80 -3.96 -1.57
CA GLU A 3 -12.24 -3.21 -0.40
C GLU A 3 -11.66 -1.81 -0.57
N PHE A 4 -11.27 -1.11 0.59
CA PHE A 4 -10.72 0.28 0.60
C PHE A 4 -11.76 1.29 0.02
N PRO A 5 -13.03 1.45 0.59
CA PRO A 5 -13.98 2.43 0.02
C PRO A 5 -13.74 3.85 0.51
N CYS A 6 -13.43 4.76 -0.45
CA CYS A 6 -13.19 6.20 -0.20
C CYS A 6 -12.93 6.79 -1.59
N PRO A 7 -13.04 8.17 -1.81
CA PRO A 7 -12.73 8.78 -3.14
C PRO A 7 -11.23 8.82 -3.39
N ARG A 8 -10.74 9.17 -4.64
CA ARG A 8 -9.27 9.26 -4.88
C ARG A 8 -8.78 10.35 -3.96
N LYS A 9 -7.70 9.98 -3.21
CA LYS A 9 -7.16 10.79 -2.16
C LYS A 9 -6.13 11.80 -2.67
N GLN A 10 -5.46 12.51 -1.72
CA GLN A 10 -4.59 13.62 -2.03
C GLN A 10 -3.28 13.53 -1.23
N GLN A 11 -2.11 13.34 -1.94
CA GLN A 11 -0.79 13.29 -1.27
C GLN A 11 0.02 14.56 -1.61
N PRO A 12 0.83 15.13 -0.65
CA PRO A 12 1.72 16.29 -0.94
C PRO A 12 3.08 15.85 -1.51
N ALA A 13 4.01 16.83 -1.79
CA ALA A 13 5.36 16.52 -2.32
C ALA A 13 6.20 15.96 -1.17
N GLY A 14 7.10 14.98 -1.50
CA GLY A 14 7.97 14.34 -0.49
C GLY A 14 7.30 13.06 -0.01
N ASN A 15 6.42 12.48 -0.89
CA ASN A 15 5.66 11.26 -0.58
C ASN A 15 6.50 10.04 -0.90
N SER A 16 6.22 8.87 -0.21
CA SER A 16 6.89 7.61 -0.54
C SER A 16 6.12 6.49 0.18
N GLU A 17 4.84 6.16 -0.26
CA GLU A 17 4.01 5.14 0.38
C GLU A 17 2.73 5.43 -0.22
N CYS A 18 1.76 4.50 -0.15
CA CYS A 18 0.45 4.85 -0.60
C CYS A 18 -0.53 4.18 0.30
N SER A 19 -1.32 5.02 0.99
CA SER A 19 -2.40 4.63 1.87
C SER A 19 -3.03 5.90 2.16
N TYR A 20 -4.32 5.94 2.65
CA TYR A 20 -4.71 7.23 3.13
C TYR A 20 -5.64 7.12 4.28
N TYR A 21 -6.13 8.30 4.74
CA TYR A 21 -6.98 8.41 5.88
C TYR A 21 -8.15 9.26 5.48
N CYS A 22 -9.36 8.74 5.82
CA CYS A 22 -10.60 9.37 5.50
C CYS A 22 -11.58 8.64 6.38
N GLU A 23 -12.80 9.19 6.58
CA GLU A 23 -13.79 8.53 7.42
C GLU A 23 -14.92 8.02 6.54
N MET A 24 -15.05 6.63 6.35
CA MET A 24 -16.15 6.07 5.56
C MET A 24 -16.85 5.06 6.45
N ASN A 25 -18.23 5.26 6.60
CA ASN A 25 -19.14 4.40 7.39
C ASN A 25 -18.91 4.56 8.92
N GLY A 26 -18.35 5.74 9.36
CA GLY A 26 -18.13 6.02 10.81
C GLY A 26 -16.88 5.33 11.32
N GLN A 27 -16.01 4.84 10.38
CA GLN A 27 -14.77 4.15 10.70
C GLN A 27 -13.75 4.82 9.88
N TRP A 28 -12.53 4.88 10.44
CA TRP A 28 -11.41 5.48 9.78
C TRP A 28 -10.98 4.46 8.75
N LYS A 29 -10.99 4.86 7.46
CA LYS A 29 -10.66 3.94 6.42
C LYS A 29 -9.52 4.46 5.67
N LEU A 30 -8.89 3.51 4.95
CA LEU A 30 -7.74 3.73 4.15
C LEU A 30 -8.27 3.93 2.75
N GLY A 31 -7.60 4.80 1.94
CA GLY A 31 -8.09 5.12 0.62
C GLY A 31 -6.97 4.91 -0.30
N LYS A 32 -7.18 5.35 -1.57
CA LYS A 32 -6.22 5.09 -2.60
C LYS A 32 -5.87 6.35 -3.38
N PHE A 33 -4.51 6.53 -3.61
CA PHE A 33 -3.94 7.63 -4.44
C PHE A 33 -3.91 7.21 -5.86
N GLN A 34 -3.33 8.13 -6.77
CA GLN A 34 -3.15 7.82 -8.19
C GLN A 34 -2.53 6.43 -8.25
N ASN A 35 -3.28 5.45 -8.86
CA ASN A 35 -2.86 4.04 -8.92
C ASN A 35 -1.42 3.91 -9.37
N GLY A 36 -0.45 3.64 -8.41
CA GLY A 36 0.94 3.49 -8.78
C GLY A 36 1.75 4.72 -8.43
N ALA A 37 1.58 5.40 -7.19
CA ALA A 37 2.42 6.57 -6.90
C ALA A 37 3.84 6.13 -6.58
N ARG A 38 4.81 7.09 -6.53
CA ARG A 38 6.22 6.73 -6.29
C ARG A 38 6.39 6.37 -4.81
N CYS A 39 7.29 5.37 -4.53
CA CYS A 39 7.52 4.85 -3.19
C CYS A 39 8.94 5.16 -2.79
N ASP A 40 9.45 4.58 -1.62
CA ASP A 40 10.85 4.77 -1.15
C ASP A 40 11.74 3.86 -2.00
N TYR A 41 11.08 3.30 -3.06
CA TYR A 41 11.67 2.42 -4.02
C TYR A 41 11.74 3.19 -5.34
N ASN A 42 11.73 4.58 -5.28
CA ASN A 42 11.78 5.46 -6.48
C ASN A 42 13.21 5.56 -7.02
N ALA A 43 14.23 5.82 -6.14
CA ALA A 43 15.62 6.02 -6.59
C ALA A 43 16.50 4.86 -6.18
N VAL A 44 16.04 3.61 -6.50
CA VAL A 44 16.79 2.38 -6.19
C VAL A 44 16.20 1.30 -7.11
N LYS A 45 14.83 1.26 -7.21
CA LYS A 45 14.09 0.33 -8.07
C LYS A 45 13.10 1.24 -8.79
N ASP A 46 11.93 0.68 -9.28
CA ASP A 46 10.87 1.50 -9.91
C ASP A 46 9.81 1.65 -8.82
N GLY A 47 9.24 2.90 -8.64
CA GLY A 47 8.27 3.17 -7.57
C GLY A 47 6.87 3.21 -8.13
N VAL A 48 6.02 2.22 -7.70
CA VAL A 48 4.61 2.12 -8.11
C VAL A 48 3.92 1.68 -6.82
N CYS A 49 3.07 2.55 -6.14
CA CYS A 49 2.38 2.16 -4.92
C CYS A 49 0.90 2.45 -4.94
N ASN A 50 0.08 1.55 -4.27
CA ASN A 50 -1.35 1.80 -4.06
C ASN A 50 -1.96 0.67 -3.26
N GLU A 51 -3.01 1.06 -2.39
CA GLU A 51 -3.82 0.09 -1.61
C GLU A 51 -3.17 -0.29 -0.29
N GLY A 52 -2.78 0.78 0.46
CA GLY A 52 -2.39 0.67 1.85
C GLY A 52 -0.94 0.63 2.22
N LEU A 53 0.04 0.12 1.42
CA LEU A 53 1.41 -0.03 1.96
C LEU A 53 2.43 0.45 0.92
N CYS A 54 3.81 0.22 1.14
CA CYS A 54 4.84 0.63 0.18
C CYS A 54 5.09 -0.56 -0.70
N TYR A 55 5.36 -0.30 -2.02
CA TYR A 55 5.52 -1.36 -3.02
C TYR A 55 6.70 -1.03 -3.87
N ALA A 56 7.19 -2.06 -4.63
CA ALA A 56 8.34 -1.91 -5.50
C ALA A 56 8.03 -2.69 -6.75
N SER A 57 8.61 -2.23 -7.91
CA SER A 57 8.44 -2.90 -9.19
C SER A 57 9.83 -2.99 -9.78
N GLY A 58 10.09 -4.05 -10.61
CA GLY A 58 11.41 -4.27 -11.25
C GLY A 58 12.07 -5.44 -10.55
N ASP A 59 11.79 -5.56 -9.21
CA ASP A 59 12.29 -6.65 -8.38
C ASP A 59 11.04 -7.23 -7.72
N SER A 60 11.22 -8.24 -6.81
CA SER A 60 10.11 -8.90 -6.12
C SER A 60 10.21 -8.57 -4.64
N ALA A 61 9.02 -8.44 -3.99
CA ALA A 61 8.93 -8.13 -2.56
C ALA A 61 7.64 -8.76 -2.09
N SER A 62 7.54 -8.99 -0.74
CA SER A 62 6.36 -9.61 -0.15
C SER A 62 5.99 -8.79 1.07
N ASN A 63 4.67 -8.85 1.45
CA ASN A 63 4.13 -8.12 2.61
C ASN A 63 4.13 -9.06 3.80
N THR A 64 4.03 -8.47 5.03
CA THR A 64 4.02 -9.22 6.28
C THR A 64 2.75 -8.86 7.03
N GLN A 65 2.38 -9.69 8.05
CA GLN A 65 1.16 -9.47 8.85
C GLN A 65 1.49 -8.50 9.97
N ASN A 66 0.49 -7.66 10.35
CA ASN A 66 0.64 -6.66 11.40
C ASN A 66 -0.66 -6.68 12.19
N GLN A 67 -0.61 -6.15 13.45
CA GLN A 67 -1.76 -6.11 14.34
C GLN A 67 -1.96 -4.65 14.72
N GLY A 68 -3.24 -4.24 14.95
CA GLY A 68 -3.54 -2.88 15.32
C GLY A 68 -5.03 -2.79 15.50
N GLY A 69 -5.54 -1.52 15.60
CA GLY A 69 -6.96 -1.29 15.78
C GLY A 69 -7.20 0.15 15.49
N SER A 70 -8.51 0.55 15.38
CA SER A 70 -8.89 1.93 15.09
C SER A 70 -10.13 2.22 15.90
N ARG A 71 -10.46 3.54 16.07
CA ARG A 71 -11.64 3.97 16.83
C ARG A 71 -12.85 3.85 15.92
N ARG A 72 -14.04 3.57 16.54
CA ARG A 72 -15.30 3.40 15.80
C ARG A 72 -16.32 4.30 16.48
N GLN A 73 -17.34 4.77 15.68
CA GLN A 73 -18.39 5.64 16.21
C GLN A 73 -19.60 5.33 15.34
N GLU A 74 -20.81 5.18 15.99
CA GLU A 74 -22.05 4.87 15.27
C GLU A 74 -22.98 6.06 15.40
N ASN A 75 -22.68 7.15 14.62
CA ASN A 75 -23.51 8.36 14.63
C ASN A 75 -23.20 9.04 13.32
N GLU A 76 -24.20 9.80 12.75
CA GLU A 76 -24.03 10.50 11.47
C GLU A 76 -23.89 12.00 11.72
N ASP A 77 -24.30 12.47 12.95
CA ASP A 77 -24.23 13.90 13.31
C ASP A 77 -22.93 14.16 14.05
N GLN A 78 -22.44 13.11 14.80
CA GLN A 78 -21.20 13.15 15.62
C GLN A 78 -21.32 14.20 16.72
N GLY A 79 -22.49 14.21 17.41
CA GLY A 79 -22.75 15.16 18.47
C GLY A 79 -24.13 14.87 18.98
N ASP A 80 -24.60 15.69 19.97
CA ASP A 80 -25.93 15.54 20.57
C ASP A 80 -26.57 16.91 20.53
N ASP A 81 -27.93 16.94 20.33
CA ASP A 81 -28.70 18.18 20.27
C ASP A 81 -29.71 18.12 21.40
N GLU A 82 -29.83 19.24 22.21
CA GLU A 82 -30.75 19.30 23.35
C GLU A 82 -32.19 19.42 22.87
N TRP A 83 -32.42 20.22 21.77
CA TRP A 83 -33.77 20.43 21.22
C TRP A 83 -34.19 19.20 20.44
N ASP A 84 -33.23 18.62 19.62
CA ASP A 84 -33.43 17.41 18.78
C ASP A 84 -34.55 17.67 17.75
N ARG A 85 -34.47 18.86 17.05
CA ARG A 85 -35.47 19.25 16.04
C ARG A 85 -34.72 19.44 14.74
N LYS A 86 -33.54 20.13 14.80
CA LYS A 86 -32.71 20.39 13.61
C LYS A 86 -31.25 20.04 14.01
N ASP A 1 -13.61 -9.66 -2.43
CA ASP A 1 -12.95 -9.45 -3.77
C ASP A 1 -12.06 -8.22 -3.73
N SER A 2 -12.66 -7.04 -3.37
CA SER A 2 -11.91 -5.79 -3.29
C SER A 2 -12.43 -5.06 -2.08
N GLU A 3 -11.62 -4.11 -1.53
CA GLU A 3 -12.00 -3.35 -0.35
C GLU A 3 -11.40 -1.95 -0.53
N PHE A 4 -11.07 -1.23 0.62
CA PHE A 4 -10.52 0.17 0.64
C PHE A 4 -11.54 1.15 -0.02
N PRO A 5 -12.80 1.36 0.55
CA PRO A 5 -13.73 2.30 -0.09
C PRO A 5 -13.51 3.77 0.30
N CYS A 6 -13.18 4.61 -0.74
CA CYS A 6 -12.99 6.06 -0.60
C CYS A 6 -12.64 6.53 -2.03
N PRO A 7 -12.79 7.87 -2.40
CA PRO A 7 -12.41 8.38 -3.77
C PRO A 7 -10.89 8.50 -3.88
N ARG A 8 -10.27 8.77 -5.11
CA ARG A 8 -8.79 8.90 -5.17
C ARG A 8 -8.42 10.07 -4.30
N LYS A 9 -7.50 9.76 -3.33
CA LYS A 9 -7.10 10.64 -2.26
C LYS A 9 -5.93 11.52 -2.68
N GLN A 10 -5.30 12.23 -1.71
CA GLN A 10 -4.31 13.24 -2.00
C GLN A 10 -3.06 13.06 -1.14
N GLN A 11 -1.85 12.96 -1.80
CA GLN A 11 -0.56 12.83 -1.09
C GLN A 11 0.12 14.22 -0.96
N PRO A 12 0.88 14.49 0.18
CA PRO A 12 1.66 15.74 0.32
C PRO A 12 3.07 15.60 -0.30
N ALA A 13 3.94 16.67 -0.19
CA ALA A 13 5.32 16.62 -0.74
C ALA A 13 6.18 15.79 0.21
N GLY A 14 7.17 15.00 -0.35
CA GLY A 14 8.05 14.14 0.46
C GLY A 14 7.37 12.80 0.67
N ASN A 15 6.50 12.41 -0.30
CA ASN A 15 5.71 11.17 -0.24
C ASN A 15 6.55 9.94 -0.58
N SER A 16 6.24 8.77 0.08
CA SER A 16 6.86 7.50 -0.27
C SER A 16 6.06 6.42 0.46
N GLU A 17 4.76 6.17 0.02
CA GLU A 17 3.88 5.20 0.68
C GLU A 17 2.61 5.55 0.10
N CYS A 18 1.60 4.66 0.21
CA CYS A 18 0.32 5.02 -0.28
C CYS A 18 -0.68 4.36 0.59
N SER A 19 -1.49 5.18 1.24
CA SER A 19 -2.59 4.76 2.08
C SER A 19 -3.25 6.03 2.30
N TYR A 20 -4.53 6.05 2.78
CA TYR A 20 -4.98 7.34 3.20
C TYR A 20 -5.85 7.24 4.40
N TYR A 21 -6.37 8.42 4.82
CA TYR A 21 -7.19 8.58 5.97
C TYR A 21 -8.37 9.37 5.54
N CYS A 22 -9.58 8.79 5.77
CA CYS A 22 -10.83 9.38 5.38
C CYS A 22 -11.82 8.61 6.20
N GLU A 23 -13.05 9.14 6.39
CA GLU A 23 -14.06 8.43 7.17
C GLU A 23 -15.14 7.89 6.25
N MET A 24 -15.23 6.51 6.07
CA MET A 24 -16.27 5.91 5.24
C MET A 24 -16.89 4.81 6.07
N ASN A 25 -18.28 4.82 6.14
CA ASN A 25 -19.12 3.86 6.88
C ASN A 25 -19.01 4.07 8.41
N GLY A 26 -18.59 5.30 8.86
CA GLY A 26 -18.50 5.63 10.32
C GLY A 26 -17.25 5.05 10.94
N GLN A 27 -16.23 4.72 10.10
CA GLN A 27 -14.98 4.14 10.55
C GLN A 27 -13.95 4.78 9.70
N TRP A 28 -12.77 5.02 10.33
CA TRP A 28 -11.64 5.62 9.69
C TRP A 28 -11.14 4.57 8.73
N LYS A 29 -11.08 4.91 7.41
CA LYS A 29 -10.69 3.96 6.43
C LYS A 29 -9.51 4.47 5.70
N LEU A 30 -8.83 3.49 5.07
CA LEU A 30 -7.65 3.72 4.31
C LEU A 30 -8.15 3.85 2.90
N GLY A 31 -7.56 4.80 2.11
CA GLY A 31 -8.02 5.08 0.78
C GLY A 31 -6.89 4.82 -0.10
N LYS A 32 -7.08 5.19 -1.39
CA LYS A 32 -6.12 4.90 -2.38
C LYS A 32 -5.72 6.13 -3.14
N PHE A 33 -4.37 6.27 -3.37
CA PHE A 33 -3.74 7.33 -4.17
C PHE A 33 -3.66 6.81 -5.58
N GLN A 34 -2.88 7.55 -6.45
CA GLN A 34 -2.65 7.15 -7.84
C GLN A 34 -2.38 5.68 -7.87
N ASN A 35 -3.07 4.91 -8.77
CA ASN A 35 -2.82 3.47 -8.89
C ASN A 35 -1.40 3.32 -9.44
N GLY A 36 -0.38 3.28 -8.50
CA GLY A 36 1.00 3.23 -8.90
C GLY A 36 1.72 4.51 -8.52
N ALA A 37 1.50 5.16 -7.26
CA ALA A 37 2.25 6.34 -6.87
C ALA A 37 3.74 6.02 -6.75
N ARG A 38 4.60 7.06 -6.61
CA ARG A 38 6.04 6.83 -6.51
C ARG A 38 6.36 6.59 -5.05
N CYS A 39 7.27 5.60 -4.76
CA CYS A 39 7.62 5.20 -3.40
C CYS A 39 9.07 5.54 -3.16
N ASP A 40 9.68 5.04 -2.00
CA ASP A 40 11.13 5.27 -1.68
C ASP A 40 11.92 4.30 -2.53
N TYR A 41 11.16 3.60 -3.42
CA TYR A 41 11.63 2.63 -4.35
C TYR A 41 11.62 3.27 -5.74
N ASN A 42 11.63 4.66 -5.81
CA ASN A 42 11.63 5.41 -7.08
C ASN A 42 13.06 5.50 -7.65
N ALA A 43 14.08 5.77 -6.78
CA ALA A 43 15.47 5.97 -7.23
C ALA A 43 16.36 4.80 -6.80
N VAL A 44 15.85 3.55 -6.92
CA VAL A 44 16.62 2.34 -6.57
C VAL A 44 15.99 1.20 -7.38
N LYS A 45 14.63 1.19 -7.51
CA LYS A 45 13.88 0.18 -8.28
C LYS A 45 12.87 1.02 -9.05
N ASP A 46 11.71 0.42 -9.51
CA ASP A 46 10.65 1.19 -10.19
C ASP A 46 9.62 1.48 -9.10
N GLY A 47 9.05 2.73 -9.09
CA GLY A 47 8.13 3.15 -8.02
C GLY A 47 6.70 3.03 -8.49
N VAL A 48 6.00 1.97 -8.00
CA VAL A 48 4.58 1.71 -8.30
C VAL A 48 4.03 1.39 -6.92
N CYS A 49 3.17 2.30 -6.33
CA CYS A 49 2.63 2.14 -5.00
C CYS A 49 1.14 2.43 -4.91
N ASN A 50 0.31 1.49 -4.28
CA ASN A 50 -1.11 1.77 -4.00
C ASN A 50 -1.71 0.65 -3.16
N GLU A 51 -2.76 1.05 -2.30
CA GLU A 51 -3.57 0.12 -1.49
C GLU A 51 -2.93 -0.23 -0.16
N GLY A 52 -2.63 0.86 0.59
CA GLY A 52 -2.25 0.79 1.98
C GLY A 52 -0.79 0.87 2.36
N LEU A 53 0.22 0.42 1.58
CA LEU A 53 1.61 0.39 2.15
C LEU A 53 2.60 0.84 1.06
N CYS A 54 3.99 0.70 1.27
CA CYS A 54 5.00 1.13 0.27
C CYS A 54 5.31 -0.11 -0.54
N TYR A 55 5.53 0.08 -1.88
CA TYR A 55 5.71 -1.05 -2.79
C TYR A 55 6.84 -0.76 -3.73
N ALA A 56 7.36 -1.84 -4.38
CA ALA A 56 8.44 -1.76 -5.34
C ALA A 56 8.06 -2.68 -6.47
N SER A 57 8.53 -2.37 -7.71
CA SER A 57 8.26 -3.22 -8.88
C SER A 57 9.52 -3.25 -9.70
N GLY A 58 9.66 -4.32 -10.56
CA GLY A 58 10.83 -4.47 -11.46
C GLY A 58 11.73 -5.55 -10.93
N ASP A 59 11.85 -5.66 -9.57
CA ASP A 59 12.69 -6.68 -8.94
C ASP A 59 11.86 -7.28 -7.82
N SER A 60 11.66 -8.63 -7.89
CA SER A 60 10.91 -9.36 -6.86
C SER A 60 11.63 -10.66 -6.67
N ALA A 61 11.77 -11.11 -5.38
CA ALA A 61 12.45 -12.36 -5.07
C ALA A 61 12.03 -12.72 -3.66
N SER A 62 12.20 -11.76 -2.71
CA SER A 62 11.84 -11.96 -1.30
C SER A 62 11.23 -10.67 -0.83
N ASN A 63 10.41 -10.75 0.26
CA ASN A 63 9.74 -9.59 0.85
C ASN A 63 10.50 -9.22 2.10
N THR A 64 10.73 -7.88 2.30
CA THR A 64 11.46 -7.35 3.46
C THR A 64 10.47 -6.70 4.42
N GLN A 65 9.15 -6.71 4.04
CA GLN A 65 8.09 -6.13 4.86
C GLN A 65 7.10 -7.23 5.12
N ASN A 66 6.71 -7.41 6.42
CA ASN A 66 5.76 -8.44 6.84
C ASN A 66 4.89 -7.79 7.88
N GLN A 67 3.60 -8.25 7.97
CA GLN A 67 2.64 -7.73 8.94
C GLN A 67 2.04 -8.92 9.63
N GLY A 68 1.69 -8.77 10.94
CA GLY A 68 1.10 -9.85 11.71
C GLY A 68 0.87 -9.32 13.09
N GLY A 69 0.29 -10.17 13.97
CA GLY A 69 0.01 -9.79 15.34
C GLY A 69 -0.91 -10.82 15.91
N SER A 70 -2.17 -10.84 15.40
CA SER A 70 -3.19 -11.81 15.84
C SER A 70 -3.94 -12.22 14.61
N ARG A 71 -4.51 -13.46 14.61
CA ARG A 71 -5.29 -13.99 13.49
C ARG A 71 -6.59 -14.48 14.07
N ARG A 72 -7.72 -14.19 13.34
CA ARG A 72 -9.07 -14.58 13.77
C ARG A 72 -9.57 -15.67 12.85
N GLN A 73 -8.77 -16.02 11.79
CA GLN A 73 -9.14 -17.05 10.82
C GLN A 73 -7.93 -17.94 10.66
N GLU A 74 -8.16 -19.26 10.37
CA GLU A 74 -7.08 -20.24 10.20
C GLU A 74 -6.88 -20.53 8.72
N ASN A 75 -7.83 -20.06 7.84
CA ASN A 75 -7.74 -20.28 6.40
C ASN A 75 -8.53 -19.17 5.73
N GLU A 76 -8.40 -19.07 4.37
CA GLU A 76 -9.09 -18.04 3.57
C GLU A 76 -10.19 -18.71 2.75
N ASP A 77 -10.49 -20.02 3.05
CA ASP A 77 -11.53 -20.78 2.31
C ASP A 77 -12.89 -20.44 2.88
N GLN A 78 -12.95 -20.17 4.23
CA GLN A 78 -14.18 -19.80 4.98
C GLN A 78 -15.17 -20.97 4.95
N GLY A 79 -16.37 -20.77 4.31
CA GLY A 79 -17.37 -21.83 4.23
C GLY A 79 -18.58 -21.22 3.59
N ASP A 80 -19.65 -22.06 3.40
CA ASP A 80 -20.90 -21.63 2.78
C ASP A 80 -21.86 -21.20 3.88
N ASP A 81 -21.72 -21.84 5.09
CA ASP A 81 -22.57 -21.53 6.25
C ASP A 81 -21.61 -21.34 7.41
N GLU A 82 -21.94 -20.37 8.34
CA GLU A 82 -21.09 -20.08 9.50
C GLU A 82 -21.42 -21.03 10.66
N TRP A 83 -22.62 -21.70 10.61
CA TRP A 83 -23.05 -22.63 11.67
C TRP A 83 -22.86 -24.06 11.17
N ASP A 84 -22.21 -24.24 9.94
CA ASP A 84 -21.94 -25.56 9.30
C ASP A 84 -23.28 -26.25 8.96
N ARG A 85 -23.32 -27.63 9.03
CA ARG A 85 -24.54 -28.40 8.75
C ARG A 85 -25.17 -28.80 10.07
N LYS A 86 -24.33 -28.95 11.13
CA LYS A 86 -24.80 -29.32 12.47
C LYS A 86 -23.96 -28.52 13.49
N ASP A 1 -19.56 -4.38 1.59
CA ASP A 1 -18.26 -5.07 1.87
C ASP A 1 -17.27 -4.73 0.79
N SER A 2 -16.23 -3.90 1.15
CA SER A 2 -15.19 -3.49 0.21
C SER A 2 -13.89 -3.54 0.97
N GLU A 3 -12.75 -3.71 0.23
CA GLU A 3 -11.41 -3.82 0.83
C GLU A 3 -10.84 -2.45 1.16
N PHE A 4 -10.96 -1.47 0.20
CA PHE A 4 -10.40 -0.14 0.37
C PHE A 4 -11.43 0.90 -0.13
N PRO A 5 -12.56 1.18 0.60
CA PRO A 5 -13.51 2.19 0.13
C PRO A 5 -13.16 3.65 0.50
N CYS A 6 -12.93 4.47 -0.58
CA CYS A 6 -12.66 5.92 -0.54
C CYS A 6 -12.13 6.20 -1.96
N PRO A 7 -12.31 7.43 -2.57
CA PRO A 7 -11.80 7.70 -3.94
C PRO A 7 -10.33 8.10 -3.99
N ARG A 8 -9.69 8.13 -5.23
CA ARG A 8 -8.27 8.54 -5.34
C ARG A 8 -8.21 9.97 -4.91
N LYS A 9 -7.21 10.24 -4.03
CA LYS A 9 -7.07 11.51 -3.43
C LYS A 9 -5.58 11.84 -3.25
N GLN A 10 -5.33 12.88 -2.42
CA GLN A 10 -4.03 13.49 -2.19
C GLN A 10 -3.02 12.75 -1.27
N GLN A 11 -1.77 12.53 -1.79
CA GLN A 11 -0.65 12.02 -0.97
C GLN A 11 0.15 13.25 -0.45
N PRO A 12 0.76 13.21 0.80
CA PRO A 12 1.58 14.35 1.31
C PRO A 12 3.02 14.37 0.78
N ALA A 13 3.84 15.40 1.17
CA ALA A 13 5.25 15.51 0.74
C ALA A 13 6.07 14.55 1.58
N GLY A 14 7.09 13.86 0.95
CA GLY A 14 7.93 12.88 1.66
C GLY A 14 7.21 11.55 1.68
N ASN A 15 6.37 11.32 0.63
CA ASN A 15 5.53 10.12 0.50
C ASN A 15 6.33 8.87 0.13
N SER A 16 5.98 7.72 0.80
CA SER A 16 6.56 6.42 0.46
C SER A 16 5.68 5.42 1.15
N GLU A 17 4.39 5.27 0.68
CA GLU A 17 3.46 4.34 1.25
C GLU A 17 2.22 4.85 0.70
N CYS A 18 1.27 4.01 0.26
CA CYS A 18 0.06 4.60 -0.22
C CYS A 18 -1.05 3.75 0.29
N SER A 19 -1.87 4.42 1.09
CA SER A 19 -3.09 3.93 1.70
C SER A 19 -3.80 5.18 1.75
N TYR A 20 -5.11 5.25 2.09
CA TYR A 20 -5.61 6.59 2.19
C TYR A 20 -6.43 6.74 3.42
N TYR A 21 -6.07 7.80 4.21
CA TYR A 21 -6.68 8.09 5.47
C TYR A 21 -7.83 9.06 5.23
N CYS A 22 -9.06 8.57 5.53
CA CYS A 22 -10.28 9.28 5.29
C CYS A 22 -11.22 8.66 6.24
N GLU A 23 -12.38 9.31 6.49
CA GLU A 23 -13.39 8.76 7.37
C GLU A 23 -14.55 8.26 6.52
N MET A 24 -14.58 6.91 6.18
CA MET A 24 -15.66 6.34 5.37
C MET A 24 -16.47 5.44 6.30
N ASN A 25 -17.83 5.73 6.38
CA ASN A 25 -18.84 5.01 7.20
C ASN A 25 -18.67 5.27 8.70
N GLY A 26 -18.02 6.44 9.08
CA GLY A 26 -17.88 6.84 10.51
C GLY A 26 -16.67 6.19 11.17
N GLN A 27 -15.79 5.53 10.37
CA GLN A 27 -14.59 4.87 10.88
C GLN A 27 -13.52 5.28 9.96
N TRP A 28 -12.28 5.35 10.52
CA TRP A 28 -11.13 5.75 9.76
C TRP A 28 -10.84 4.58 8.87
N LYS A 29 -10.74 4.86 7.55
CA LYS A 29 -10.57 3.82 6.59
C LYS A 29 -9.39 4.12 5.76
N LEU A 30 -8.94 3.04 5.07
CA LEU A 30 -7.84 3.07 4.18
C LEU A 30 -8.49 3.04 2.81
N GLY A 31 -7.92 3.80 1.83
CA GLY A 31 -8.49 3.90 0.50
C GLY A 31 -7.35 3.84 -0.42
N LYS A 32 -7.44 4.57 -1.56
CA LYS A 32 -6.41 4.50 -2.56
C LYS A 32 -6.06 5.90 -3.07
N PHE A 33 -4.82 5.96 -3.64
CA PHE A 33 -4.20 7.09 -4.32
C PHE A 33 -4.04 6.66 -5.75
N GLN A 34 -3.34 7.49 -6.61
CA GLN A 34 -3.12 7.12 -8.03
C GLN A 34 -2.56 5.71 -8.06
N ASN A 35 -3.15 4.83 -8.95
CA ASN A 35 -2.78 3.42 -9.00
C ASN A 35 -1.34 3.26 -9.44
N GLY A 36 -0.40 3.06 -8.43
CA GLY A 36 0.98 2.90 -8.75
C GLY A 36 1.73 4.18 -8.50
N ALA A 37 1.54 4.92 -7.30
CA ALA A 37 2.27 6.17 -7.09
C ALA A 37 3.77 5.88 -6.94
N ARG A 38 4.64 6.91 -6.77
CA ARG A 38 6.06 6.62 -6.60
C ARG A 38 6.32 6.53 -5.11
N CYS A 39 7.25 5.60 -4.72
CA CYS A 39 7.58 5.33 -3.32
C CYS A 39 9.01 5.79 -3.13
N ASP A 40 9.68 5.44 -1.96
CA ASP A 40 11.14 5.76 -1.75
C ASP A 40 11.87 4.98 -2.81
N TYR A 41 11.15 3.94 -3.33
CA TYR A 41 11.57 3.09 -4.41
C TYR A 41 11.20 3.86 -5.71
N ASN A 42 12.00 4.93 -6.02
CA ASN A 42 11.80 5.79 -7.19
C ASN A 42 13.16 5.94 -7.85
N ALA A 43 14.18 6.47 -7.10
CA ALA A 43 15.54 6.71 -7.64
C ALA A 43 16.46 5.55 -7.33
N VAL A 44 16.19 4.79 -6.21
CA VAL A 44 17.02 3.64 -5.80
C VAL A 44 16.67 2.42 -6.68
N LYS A 45 15.35 2.18 -6.92
CA LYS A 45 14.83 1.08 -7.74
C LYS A 45 13.57 1.63 -8.32
N ASP A 46 12.98 0.98 -9.38
CA ASP A 46 11.69 1.41 -9.96
C ASP A 46 10.63 0.90 -8.99
N GLY A 47 9.37 1.45 -8.99
CA GLY A 47 8.41 1.00 -8.03
C GLY A 47 7.10 1.54 -8.37
N VAL A 48 6.15 1.13 -7.52
CA VAL A 48 4.76 1.49 -7.62
C VAL A 48 4.31 1.63 -6.18
N CYS A 49 3.19 2.38 -5.89
CA CYS A 49 2.70 2.56 -4.56
C CYS A 49 1.18 2.70 -4.60
N ASN A 50 0.38 1.66 -4.16
CA ASN A 50 -1.10 1.79 -4.06
C ASN A 50 -1.69 0.50 -3.55
N GLU A 51 -2.91 0.66 -2.88
CA GLU A 51 -3.70 -0.47 -2.33
C GLU A 51 -3.15 -0.85 -0.96
N GLY A 52 -2.92 0.22 -0.15
CA GLY A 52 -2.57 0.13 1.24
C GLY A 52 -1.13 0.30 1.64
N LEU A 53 -0.06 -0.07 0.88
CA LEU A 53 1.31 -0.02 1.50
C LEU A 53 2.35 0.45 0.47
N CYS A 54 3.72 0.34 0.79
CA CYS A 54 4.80 0.76 -0.12
C CYS A 54 5.22 -0.48 -0.88
N TYR A 55 5.55 -0.32 -2.19
CA TYR A 55 5.86 -1.44 -3.06
C TYR A 55 7.05 -1.09 -3.91
N ALA A 56 7.66 -2.14 -4.53
CA ALA A 56 8.80 -1.99 -5.43
C ALA A 56 8.56 -3.00 -6.53
N SER A 57 8.77 -2.61 -7.83
CA SER A 57 8.55 -3.53 -8.96
C SER A 57 9.50 -3.13 -10.06
N GLY A 58 10.02 -4.15 -10.84
CA GLY A 58 10.92 -3.91 -11.99
C GLY A 58 12.33 -4.31 -11.64
N ASP A 59 12.76 -4.11 -10.35
CA ASP A 59 14.11 -4.48 -9.92
C ASP A 59 13.97 -5.21 -8.61
N SER A 60 14.85 -6.23 -8.42
CA SER A 60 14.88 -7.04 -7.19
C SER A 60 16.31 -7.51 -7.06
N ALA A 61 16.86 -8.05 -8.19
CA ALA A 61 18.23 -8.53 -8.25
C ALA A 61 18.63 -8.40 -9.70
N SER A 62 19.97 -8.36 -9.97
CA SER A 62 20.49 -8.23 -11.33
C SER A 62 21.53 -9.30 -11.51
N ASN A 63 21.60 -9.86 -12.75
CA ASN A 63 22.55 -10.91 -13.11
C ASN A 63 23.01 -10.59 -14.50
N THR A 64 24.18 -11.18 -14.91
CA THR A 64 24.76 -10.98 -16.25
C THR A 64 24.48 -12.23 -17.06
N GLN A 65 24.40 -12.08 -18.42
CA GLN A 65 24.12 -13.19 -19.35
C GLN A 65 25.32 -14.12 -19.44
N ASN A 66 26.58 -13.52 -19.47
CA ASN A 66 27.86 -14.26 -19.57
C ASN A 66 27.93 -15.07 -20.87
N GLN A 67 27.49 -14.43 -22.01
CA GLN A 67 27.48 -15.05 -23.32
C GLN A 67 28.20 -14.10 -24.25
N GLY A 68 28.87 -14.67 -25.29
CA GLY A 68 29.61 -13.87 -26.25
C GLY A 68 30.39 -14.82 -27.09
N GLY A 69 31.33 -15.56 -26.44
CA GLY A 69 32.17 -16.53 -27.15
C GLY A 69 32.79 -17.41 -26.11
N SER A 70 32.00 -17.75 -25.05
CA SER A 70 32.47 -18.60 -23.95
C SER A 70 31.29 -19.46 -23.56
N ARG A 71 31.58 -20.66 -22.97
CA ARG A 71 30.54 -21.59 -22.53
C ARG A 71 30.91 -21.98 -21.11
N ARG A 72 29.86 -22.23 -20.26
CA ARG A 72 30.05 -22.62 -18.87
C ARG A 72 29.12 -23.78 -18.63
N GLN A 73 29.45 -24.64 -17.61
CA GLN A 73 28.63 -25.81 -17.27
C GLN A 73 28.34 -25.72 -15.79
N GLU A 74 27.10 -26.14 -15.36
CA GLU A 74 26.68 -26.10 -13.95
C GLU A 74 26.74 -27.51 -13.37
N ASN A 75 27.10 -28.51 -14.24
CA ASN A 75 27.21 -29.92 -13.84
C ASN A 75 28.63 -30.34 -14.12
N GLU A 76 29.09 -31.44 -13.44
CA GLU A 76 30.45 -31.97 -13.59
C GLU A 76 30.42 -33.17 -14.54
N ASP A 77 29.21 -33.47 -15.12
CA ASP A 77 29.03 -34.59 -16.07
C ASP A 77 29.21 -34.04 -17.48
N GLN A 78 29.73 -34.92 -18.41
CA GLN A 78 29.99 -34.61 -19.84
C GLN A 78 31.04 -33.50 -19.95
N GLY A 79 32.15 -33.64 -19.16
CA GLY A 79 33.22 -32.67 -19.17
C GLY A 79 34.30 -33.22 -18.30
N ASP A 80 35.47 -32.50 -18.23
CA ASP A 80 36.60 -32.92 -17.41
C ASP A 80 37.02 -31.69 -16.61
N ASP A 81 37.18 -31.85 -15.25
CA ASP A 81 37.57 -30.74 -14.37
C ASP A 81 39.04 -30.90 -13.99
N GLU A 82 39.75 -31.92 -14.58
CA GLU A 82 41.18 -32.17 -14.29
C GLU A 82 42.04 -31.08 -14.89
N TRP A 83 41.71 -30.65 -16.16
CA TRP A 83 42.44 -29.59 -16.86
C TRP A 83 41.77 -28.25 -16.59
N ASP A 84 40.38 -28.25 -16.51
CA ASP A 84 39.54 -27.04 -16.25
C ASP A 84 39.72 -26.04 -17.41
N ARG A 85 39.62 -26.58 -18.67
CA ARG A 85 39.76 -25.78 -19.88
C ARG A 85 38.58 -26.15 -20.77
N LYS A 86 38.10 -25.18 -21.59
CA LYS A 86 36.97 -25.42 -22.50
C LYS A 86 37.11 -24.41 -23.68
N ASP A 1 -12.81 -4.06 -7.36
CA ASP A 1 -13.51 -3.58 -6.12
C ASP A 1 -13.73 -4.75 -5.19
N SER A 2 -13.04 -4.74 -4.02
CA SER A 2 -13.16 -5.81 -3.02
C SER A 2 -13.39 -5.14 -1.69
N GLU A 3 -12.49 -4.19 -1.31
CA GLU A 3 -12.61 -3.46 -0.05
C GLU A 3 -11.88 -2.14 -0.26
N PHE A 4 -11.37 -1.48 0.85
CA PHE A 4 -10.69 -0.16 0.85
C PHE A 4 -11.64 0.94 0.27
N PRO A 5 -12.86 1.22 0.88
CA PRO A 5 -13.75 2.25 0.31
C PRO A 5 -13.42 3.68 0.72
N CYS A 6 -13.11 4.54 -0.31
CA CYS A 6 -12.84 5.98 -0.18
C CYS A 6 -12.53 6.41 -1.63
N PRO A 7 -12.67 7.73 -2.02
CA PRO A 7 -12.34 8.18 -3.42
C PRO A 7 -10.83 8.27 -3.64
N ARG A 8 -10.32 8.50 -4.92
CA ARG A 8 -8.86 8.59 -5.13
C ARG A 8 -8.39 9.76 -4.31
N LYS A 9 -7.36 9.48 -3.46
CA LYS A 9 -6.87 10.44 -2.51
C LYS A 9 -5.51 11.00 -2.90
N GLN A 10 -5.25 12.16 -2.30
CA GLN A 10 -4.13 13.03 -2.52
C GLN A 10 -2.87 12.65 -1.72
N GLN A 11 -1.68 12.56 -2.44
CA GLN A 11 -0.38 12.31 -1.77
C GLN A 11 0.33 13.65 -1.46
N PRO A 12 1.10 13.76 -0.31
CA PRO A 12 1.89 14.98 0.01
C PRO A 12 3.28 14.95 -0.65
N ALA A 13 4.12 16.02 -0.43
CA ALA A 13 5.49 16.07 -0.98
C ALA A 13 6.41 15.30 -0.04
N GLY A 14 7.34 14.45 -0.61
CA GLY A 14 8.27 13.65 0.20
C GLY A 14 7.59 12.40 0.68
N ASN A 15 6.59 11.89 -0.09
CA ASN A 15 5.82 10.69 0.28
C ASN A 15 6.60 9.43 -0.05
N SER A 16 6.15 8.28 0.55
CA SER A 16 6.71 6.97 0.22
C SER A 16 5.76 5.96 0.80
N GLU A 17 4.51 5.83 0.19
CA GLU A 17 3.52 4.94 0.71
C GLU A 17 2.33 5.32 -0.06
N CYS A 18 1.34 4.42 -0.12
CA CYS A 18 0.10 4.83 -0.69
C CYS A 18 -0.92 4.09 0.12
N SER A 19 -1.75 4.87 0.80
CA SER A 19 -2.84 4.42 1.64
C SER A 19 -3.50 5.67 1.90
N TYR A 20 -4.66 5.67 2.62
CA TYR A 20 -5.05 6.96 3.07
C TYR A 20 -5.68 6.88 4.41
N TYR A 21 -6.06 8.07 4.93
CA TYR A 21 -6.68 8.23 6.20
C TYR A 21 -7.82 9.18 5.92
N CYS A 22 -9.05 8.62 5.96
CA CYS A 22 -10.25 9.34 5.60
C CYS A 22 -11.30 8.62 6.39
N GLU A 23 -12.46 9.27 6.64
CA GLU A 23 -13.53 8.62 7.42
C GLU A 23 -14.66 8.22 6.48
N MET A 24 -14.84 6.85 6.23
CA MET A 24 -15.94 6.38 5.39
C MET A 24 -16.76 5.43 6.24
N ASN A 25 -18.12 5.74 6.33
CA ASN A 25 -19.14 4.96 7.09
C ASN A 25 -18.94 5.12 8.61
N GLY A 26 -18.30 6.26 9.07
CA GLY A 26 -18.09 6.54 10.52
C GLY A 26 -16.95 5.72 11.09
N GLN A 27 -16.02 5.26 10.19
CA GLN A 27 -14.89 4.44 10.58
C GLN A 27 -13.77 4.95 9.76
N TRP A 28 -12.58 5.07 10.41
CA TRP A 28 -11.38 5.55 9.77
C TRP A 28 -11.00 4.46 8.80
N LYS A 29 -10.79 4.84 7.52
CA LYS A 29 -10.49 3.87 6.51
C LYS A 29 -9.35 4.33 5.71
N LEU A 30 -8.79 3.35 4.97
CA LEU A 30 -7.67 3.53 4.13
C LEU A 30 -8.23 3.73 2.75
N GLY A 31 -7.60 4.66 1.97
CA GLY A 31 -8.06 5.02 0.64
C GLY A 31 -7.02 4.56 -0.28
N LYS A 32 -7.25 4.81 -1.58
CA LYS A 32 -6.34 4.37 -2.58
C LYS A 32 -5.96 5.53 -3.48
N PHE A 33 -4.61 5.79 -3.53
CA PHE A 33 -3.99 6.82 -4.39
C PHE A 33 -3.96 6.29 -5.80
N GLN A 34 -3.57 7.18 -6.81
CA GLN A 34 -3.52 6.77 -8.23
C GLN A 34 -2.75 5.47 -8.26
N ASN A 35 -3.45 4.35 -8.74
CA ASN A 35 -2.90 2.98 -8.73
C ASN A 35 -1.43 2.94 -9.15
N GLY A 36 -0.47 2.71 -8.15
CA GLY A 36 0.92 2.66 -8.49
C GLY A 36 1.59 4.01 -8.32
N ALA A 37 1.36 4.82 -7.17
CA ALA A 37 2.02 6.12 -7.07
C ALA A 37 3.48 5.97 -6.73
N ARG A 38 4.30 7.01 -7.02
CA ARG A 38 5.75 6.94 -6.79
C ARG A 38 6.05 6.87 -5.29
N CYS A 39 7.02 5.95 -4.95
CA CYS A 39 7.44 5.69 -3.56
C CYS A 39 8.88 6.13 -3.49
N ASP A 40 9.63 5.85 -2.33
CA ASP A 40 11.09 6.20 -2.24
C ASP A 40 11.83 4.99 -2.80
N TYR A 41 11.16 4.36 -3.78
CA TYR A 41 11.62 3.24 -4.52
C TYR A 41 11.64 3.74 -5.96
N ASN A 42 11.73 5.11 -6.12
CA ASN A 42 11.77 5.79 -7.43
C ASN A 42 13.23 6.06 -7.80
N ALA A 43 14.14 6.13 -6.77
CA ALA A 43 15.56 6.46 -7.00
C ALA A 43 16.43 5.25 -6.68
N VAL A 44 15.83 4.01 -6.67
CA VAL A 44 16.59 2.79 -6.38
C VAL A 44 15.97 1.65 -7.22
N LYS A 45 14.62 1.65 -7.39
CA LYS A 45 13.89 0.62 -8.16
C LYS A 45 12.98 1.40 -9.12
N ASP A 46 11.81 0.81 -9.61
CA ASP A 46 10.89 1.52 -10.54
C ASP A 46 10.09 2.59 -9.79
N GLY A 47 9.15 2.19 -8.85
CA GLY A 47 8.40 3.17 -8.05
C GLY A 47 6.93 3.04 -8.31
N VAL A 48 6.21 2.22 -7.48
CA VAL A 48 4.75 2.05 -7.59
C VAL A 48 4.25 1.81 -6.18
N CYS A 49 3.08 2.41 -5.76
CA CYS A 49 2.47 2.07 -4.51
C CYS A 49 0.98 2.20 -4.59
N ASN A 50 0.20 1.22 -3.97
CA ASN A 50 -1.25 1.35 -3.83
C ASN A 50 -1.82 0.20 -3.04
N GLU A 51 -2.91 0.55 -2.21
CA GLU A 51 -3.67 -0.43 -1.41
C GLU A 51 -3.00 -0.71 -0.09
N GLY A 52 -2.75 0.42 0.63
CA GLY A 52 -2.31 0.40 2.00
C GLY A 52 -0.87 0.59 2.29
N LEU A 53 0.13 0.19 1.46
CA LEU A 53 1.54 0.26 1.94
C LEU A 53 2.47 0.74 0.82
N CYS A 54 3.87 0.71 1.02
CA CYS A 54 4.86 1.17 0.02
C CYS A 54 5.30 -0.09 -0.71
N TYR A 55 5.40 0.00 -2.08
CA TYR A 55 5.69 -1.15 -2.93
C TYR A 55 6.80 -0.74 -3.88
N ALA A 56 7.24 -1.69 -4.76
CA ALA A 56 8.27 -1.42 -5.74
C ALA A 56 8.08 -2.44 -6.85
N SER A 57 8.74 -2.19 -8.02
CA SER A 57 8.68 -3.09 -9.17
C SER A 57 10.06 -3.12 -9.76
N GLY A 58 10.39 -4.23 -10.50
CA GLY A 58 11.71 -4.39 -11.17
C GLY A 58 12.54 -5.39 -10.40
N ASP A 59 12.39 -5.41 -9.04
CA ASP A 59 13.10 -6.33 -8.17
C ASP A 59 12.11 -6.78 -7.13
N SER A 60 12.45 -7.89 -6.39
CA SER A 60 11.59 -8.45 -5.35
C SER A 60 11.74 -7.63 -4.08
N ALA A 61 10.66 -7.63 -3.23
CA ALA A 61 10.65 -6.88 -1.99
C ALA A 61 9.74 -7.64 -1.06
N SER A 62 9.92 -7.42 0.28
CA SER A 62 9.10 -8.08 1.30
C SER A 62 8.80 -7.04 2.35
N ASN A 63 7.63 -7.21 3.04
CA ASN A 63 7.19 -6.29 4.08
C ASN A 63 7.02 -7.12 5.34
N THR A 64 7.48 -6.57 6.51
CA THR A 64 7.39 -7.25 7.81
C THR A 64 6.20 -6.70 8.58
N GLN A 65 5.69 -5.51 8.16
CA GLN A 65 4.54 -4.87 8.81
C GLN A 65 3.57 -4.54 7.69
N ASN A 66 2.26 -4.81 7.94
CA ASN A 66 1.20 -4.55 6.96
C ASN A 66 0.03 -4.04 7.74
N GLN A 67 -0.84 -3.21 7.09
CA GLN A 67 -2.03 -2.64 7.70
C GLN A 67 -3.18 -2.98 6.79
N GLY A 68 -4.34 -3.36 7.40
CA GLY A 68 -5.52 -3.72 6.62
C GLY A 68 -6.48 -4.33 7.58
N GLY A 69 -7.54 -5.01 7.03
CA GLY A 69 -8.55 -5.65 7.85
C GLY A 69 -9.49 -6.35 6.92
N SER A 70 -10.53 -7.00 7.51
CA SER A 70 -11.54 -7.72 6.73
C SER A 70 -12.87 -7.32 7.28
N ARG A 71 -13.93 -7.34 6.42
CA ARG A 71 -15.28 -6.97 6.84
C ARG A 71 -16.23 -7.85 6.05
N ARG A 72 -15.97 -7.98 4.71
CA ARG A 72 -16.79 -8.81 3.83
C ARG A 72 -15.82 -9.73 3.10
N GLN A 73 -16.32 -10.94 2.69
CA GLN A 73 -15.50 -11.94 1.99
C GLN A 73 -16.30 -12.36 0.78
N GLU A 74 -15.60 -12.80 -0.31
CA GLU A 74 -16.25 -13.21 -1.56
C GLU A 74 -15.84 -14.67 -1.80
N ASN A 75 -15.91 -15.51 -0.73
CA ASN A 75 -15.57 -16.93 -0.82
C ASN A 75 -16.34 -17.64 0.27
N GLU A 76 -16.39 -19.01 0.20
CA GLU A 76 -17.11 -19.83 1.19
C GLU A 76 -16.09 -20.60 2.02
N ASP A 77 -14.76 -20.27 1.86
CA ASP A 77 -13.68 -20.94 2.59
C ASP A 77 -13.55 -20.31 3.98
N GLN A 78 -13.83 -18.95 4.05
CA GLN A 78 -13.79 -18.14 5.29
C GLN A 78 -12.36 -18.10 5.84
N GLY A 79 -12.10 -18.76 7.01
CA GLY A 79 -10.79 -18.78 7.61
C GLY A 79 -10.94 -19.33 8.99
N ASP A 80 -9.80 -19.38 9.74
CA ASP A 80 -9.78 -19.87 11.13
C ASP A 80 -9.00 -18.85 11.92
N ASP A 81 -9.42 -18.61 13.20
CA ASP A 81 -8.76 -17.65 14.08
C ASP A 81 -8.51 -18.36 15.39
N GLU A 82 -7.26 -18.24 15.96
CA GLU A 82 -6.87 -18.89 17.22
C GLU A 82 -7.54 -18.20 18.40
N TRP A 83 -7.63 -16.82 18.35
CA TRP A 83 -8.23 -16.02 19.44
C TRP A 83 -9.74 -16.19 19.42
N ASP A 84 -10.36 -16.24 18.18
CA ASP A 84 -11.81 -16.41 17.95
C ASP A 84 -12.57 -15.22 18.57
N ARG A 85 -12.07 -13.98 18.29
CA ARG A 85 -12.66 -12.74 18.81
C ARG A 85 -13.09 -11.91 17.62
N LYS A 86 -12.23 -11.85 16.56
CA LYS A 86 -12.51 -11.09 15.35
C LYS A 86 -12.21 -12.03 14.15
N ASP A 1 -14.83 -4.19 -6.29
CA ASP A 1 -15.44 -3.72 -5.00
C ASP A 1 -15.59 -4.88 -4.06
N SER A 2 -14.86 -4.83 -2.90
CA SER A 2 -14.91 -5.88 -1.88
C SER A 2 -14.84 -5.19 -0.55
N GLU A 3 -13.81 -4.31 -0.36
CA GLU A 3 -13.63 -3.57 0.88
C GLU A 3 -12.82 -2.32 0.50
N PHE A 4 -12.11 -1.67 1.52
CA PHE A 4 -11.29 -0.45 1.34
C PHE A 4 -12.20 0.71 0.84
N PRO A 5 -13.28 1.17 1.60
CA PRO A 5 -14.14 2.23 1.09
C PRO A 5 -13.63 3.67 1.30
N CYS A 6 -13.36 4.36 0.15
CA CYS A 6 -12.96 5.77 0.04
C CYS A 6 -12.49 5.88 -1.43
N PRO A 7 -12.72 7.03 -2.17
CA PRO A 7 -12.30 7.15 -3.59
C PRO A 7 -10.86 7.59 -3.80
N ARG A 8 -10.32 7.55 -5.09
CA ARG A 8 -8.94 7.99 -5.40
C ARG A 8 -8.91 9.45 -5.06
N LYS A 9 -7.82 9.84 -4.32
CA LYS A 9 -7.75 11.18 -3.82
C LYS A 9 -6.29 11.70 -3.74
N GLN A 10 -6.12 12.81 -2.95
CA GLN A 10 -4.90 13.62 -2.81
C GLN A 10 -3.79 13.02 -1.95
N GLN A 11 -2.56 12.87 -2.58
CA GLN A 11 -1.35 12.44 -1.87
C GLN A 11 -0.56 13.73 -1.49
N PRO A 12 -0.15 13.94 -0.19
CA PRO A 12 0.64 15.14 0.22
C PRO A 12 2.14 15.05 -0.11
N ALA A 13 2.91 16.14 0.20
CA ALA A 13 4.38 16.20 -0.06
C ALA A 13 5.10 15.44 1.06
N GLY A 14 6.31 14.84 0.74
CA GLY A 14 7.10 14.07 1.71
C GLY A 14 6.52 12.67 1.82
N ASN A 15 5.91 12.23 0.69
CA ASN A 15 5.23 10.93 0.59
C ASN A 15 6.15 9.80 0.25
N SER A 16 5.70 8.55 0.62
CA SER A 16 6.37 7.32 0.20
C SER A 16 5.44 6.18 0.66
N GLU A 17 4.22 5.98 0.00
CA GLU A 17 3.28 4.96 0.42
C GLU A 17 2.14 5.30 -0.40
N CYS A 18 1.20 4.36 -0.55
CA CYS A 18 -0.01 4.70 -1.18
C CYS A 18 -1.05 3.93 -0.47
N SER A 19 -2.01 4.69 0.06
CA SER A 19 -3.16 4.23 0.79
C SER A 19 -3.93 5.45 0.76
N TYR A 20 -5.12 5.55 1.41
CA TYR A 20 -5.66 6.86 1.49
C TYR A 20 -6.26 6.98 2.86
N TYR A 21 -5.87 8.10 3.54
CA TYR A 21 -6.25 8.37 4.89
C TYR A 21 -7.46 9.26 4.87
N CYS A 22 -8.58 8.71 5.40
CA CYS A 22 -9.86 9.36 5.40
C CYS A 22 -10.59 8.69 6.51
N GLU A 23 -11.71 9.28 6.98
CA GLU A 23 -12.49 8.67 8.05
C GLU A 23 -13.80 8.18 7.45
N MET A 24 -13.95 6.81 7.23
CA MET A 24 -15.19 6.25 6.68
C MET A 24 -15.70 5.27 7.73
N ASN A 25 -17.01 5.47 8.14
CA ASN A 25 -17.74 4.65 9.13
C ASN A 25 -17.21 4.89 10.56
N GLY A 26 -16.54 6.08 10.82
CA GLY A 26 -16.04 6.43 12.17
C GLY A 26 -14.73 5.72 12.47
N GLN A 27 -14.01 5.27 11.43
CA GLN A 27 -12.74 4.56 11.57
C GLN A 27 -11.90 5.08 10.47
N TRP A 28 -10.59 5.29 10.79
CA TRP A 28 -9.63 5.77 9.85
C TRP A 28 -9.40 4.64 8.89
N LYS A 29 -9.61 4.91 7.57
CA LYS A 29 -9.51 3.87 6.58
C LYS A 29 -8.38 4.16 5.65
N LEU A 30 -8.14 3.12 4.82
CA LEU A 30 -7.12 3.08 3.82
C LEU A 30 -7.94 3.01 2.53
N GLY A 31 -7.45 3.67 1.44
CA GLY A 31 -8.15 3.76 0.18
C GLY A 31 -7.11 3.75 -0.86
N LYS A 32 -7.25 4.61 -1.92
CA LYS A 32 -6.30 4.59 -3.02
C LYS A 32 -5.87 5.99 -3.43
N PHE A 33 -4.63 6.03 -4.03
CA PHE A 33 -3.99 7.21 -4.65
C PHE A 33 -3.69 6.81 -6.05
N GLN A 34 -3.18 7.80 -6.90
CA GLN A 34 -2.88 7.56 -8.33
C GLN A 34 -2.20 6.21 -8.45
N ASN A 35 -2.83 5.27 -9.24
CA ASN A 35 -2.37 3.89 -9.39
C ASN A 35 -0.90 3.85 -9.78
N GLY A 36 0.01 3.55 -8.78
CA GLY A 36 1.42 3.47 -9.07
C GLY A 36 2.16 4.70 -8.62
N ALA A 37 1.90 5.35 -7.38
CA ALA A 37 2.68 6.53 -7.03
C ALA A 37 4.09 6.16 -6.58
N ARG A 38 5.01 7.16 -6.48
CA ARG A 38 6.41 6.91 -6.12
C ARG A 38 6.49 6.60 -4.62
N CYS A 39 7.39 5.62 -4.27
CA CYS A 39 7.52 5.14 -2.90
C CYS A 39 8.93 5.46 -2.42
N ASP A 40 9.37 4.88 -1.22
CA ASP A 40 10.74 5.08 -0.66
C ASP A 40 11.68 4.21 -1.48
N TYR A 41 11.05 3.55 -2.49
CA TYR A 41 11.66 2.68 -3.43
C TYR A 41 11.74 3.43 -4.75
N ASN A 42 12.02 4.80 -4.71
CA ASN A 42 12.12 5.65 -5.90
C ASN A 42 13.58 5.81 -6.30
N ALA A 43 14.51 6.00 -5.30
CA ALA A 43 15.94 6.24 -5.58
C ALA A 43 16.76 5.02 -5.18
N VAL A 44 16.16 3.79 -5.32
CA VAL A 44 16.86 2.54 -4.98
C VAL A 44 16.26 1.45 -5.91
N LYS A 45 14.95 1.58 -6.25
CA LYS A 45 14.25 0.64 -7.14
C LYS A 45 13.31 1.50 -7.95
N ASP A 46 12.25 0.90 -8.63
CA ASP A 46 11.25 1.67 -9.37
C ASP A 46 10.10 1.86 -8.39
N GLY A 47 9.56 3.13 -8.26
CA GLY A 47 8.51 3.44 -7.28
C GLY A 47 7.14 3.39 -7.92
N VAL A 48 6.35 2.33 -7.57
CA VAL A 48 4.99 2.14 -8.07
C VAL A 48 4.22 1.67 -6.85
N CYS A 49 3.28 2.51 -6.25
CA CYS A 49 2.51 2.08 -5.10
C CYS A 49 1.02 2.30 -5.27
N ASN A 50 0.18 1.34 -4.70
CA ASN A 50 -1.29 1.50 -4.61
C ASN A 50 -1.86 0.27 -3.97
N GLU A 51 -3.11 0.47 -3.37
CA GLU A 51 -3.91 -0.60 -2.72
C GLU A 51 -3.44 -0.82 -1.29
N GLY A 52 -3.15 0.32 -0.60
CA GLY A 52 -2.91 0.33 0.83
C GLY A 52 -1.52 0.45 1.39
N LEU A 53 -0.37 0.03 0.80
CA LEU A 53 0.91 0.11 1.57
C LEU A 53 2.04 0.58 0.64
N CYS A 54 3.39 0.47 1.04
CA CYS A 54 4.51 0.92 0.19
C CYS A 54 4.93 -0.30 -0.60
N TYR A 55 5.28 -0.08 -1.90
CA TYR A 55 5.59 -1.18 -2.82
C TYR A 55 6.80 -0.81 -3.61
N ALA A 56 7.41 -1.84 -4.26
CA ALA A 56 8.61 -1.67 -5.07
C ALA A 56 8.40 -2.51 -6.32
N SER A 57 8.99 -2.06 -7.46
CA SER A 57 8.91 -2.79 -8.73
C SER A 57 10.33 -2.85 -9.24
N GLY A 58 10.64 -3.93 -10.05
CA GLY A 58 11.99 -4.16 -10.61
C GLY A 58 12.63 -5.29 -9.86
N ASP A 59 12.32 -5.39 -8.52
CA ASP A 59 12.82 -6.46 -7.65
C ASP A 59 11.90 -7.66 -7.84
N SER A 60 12.48 -8.90 -7.72
CA SER A 60 11.72 -10.14 -7.89
C SER A 60 11.45 -10.70 -6.51
N ALA A 61 10.18 -11.11 -6.27
CA ALA A 61 9.76 -11.66 -4.99
C ALA A 61 8.55 -12.53 -5.26
N SER A 62 8.21 -13.42 -4.29
CA SER A 62 7.07 -14.32 -4.42
C SER A 62 6.30 -14.24 -3.13
N ASN A 63 4.95 -14.47 -3.20
CA ASN A 63 4.07 -14.41 -2.04
C ASN A 63 3.81 -15.83 -1.59
N THR A 64 3.69 -16.04 -0.24
CA THR A 64 3.43 -17.37 0.35
C THR A 64 1.98 -17.42 0.79
N GLN A 65 1.33 -16.22 0.96
CA GLN A 65 -0.06 -16.13 1.38
C GLN A 65 -0.72 -15.16 0.40
N ASN A 66 -1.95 -15.52 -0.07
CA ASN A 66 -2.69 -14.68 -1.01
C ASN A 66 -4.13 -14.77 -0.57
N GLN A 67 -4.91 -13.66 -0.78
CA GLN A 67 -6.31 -13.60 -0.41
C GLN A 67 -6.97 -12.71 -1.44
N GLY A 68 -8.12 -13.16 -1.99
CA GLY A 68 -8.85 -12.39 -2.98
C GLY A 68 -10.04 -13.20 -3.37
N GLY A 69 -10.88 -12.64 -4.29
CA GLY A 69 -12.08 -13.32 -4.74
C GLY A 69 -12.67 -12.50 -5.84
N SER A 70 -11.85 -12.21 -6.89
CA SER A 70 -12.28 -11.42 -8.04
C SER A 70 -11.68 -12.07 -9.25
N ARG A 71 -12.34 -11.89 -10.44
CA ARG A 71 -11.87 -12.45 -11.70
C ARG A 71 -11.85 -11.30 -12.69
N ARG A 72 -10.86 -11.35 -13.64
CA ARG A 72 -10.73 -10.32 -14.67
C ARG A 72 -10.10 -11.04 -15.85
N GLN A 73 -10.59 -10.75 -17.11
CA GLN A 73 -10.06 -11.39 -18.31
C GLN A 73 -10.30 -10.43 -19.45
N GLU A 74 -9.48 -10.58 -20.55
CA GLU A 74 -9.59 -9.72 -21.74
C GLU A 74 -10.30 -10.50 -22.85
N ASN A 75 -10.65 -11.79 -22.58
CA ASN A 75 -11.33 -12.66 -23.54
C ASN A 75 -12.76 -12.82 -23.07
N GLU A 76 -13.69 -13.19 -24.01
CA GLU A 76 -15.10 -13.41 -23.67
C GLU A 76 -15.19 -14.74 -22.91
N ASP A 77 -14.40 -15.77 -23.41
CA ASP A 77 -14.29 -17.14 -22.82
C ASP A 77 -15.69 -17.76 -22.66
N GLN A 78 -16.49 -17.71 -23.77
CA GLN A 78 -17.84 -18.25 -23.80
C GLN A 78 -18.02 -18.81 -25.19
N GLY A 79 -18.57 -20.06 -25.28
CA GLY A 79 -18.79 -20.70 -26.57
C GLY A 79 -19.50 -21.99 -26.29
N ASP A 80 -19.84 -22.75 -27.38
CA ASP A 80 -20.54 -24.03 -27.26
C ASP A 80 -19.51 -25.14 -27.12
N ASP A 81 -18.32 -24.95 -27.79
CA ASP A 81 -17.15 -25.89 -27.77
C ASP A 81 -17.53 -27.24 -28.41
N GLU A 82 -18.44 -27.20 -29.45
CA GLU A 82 -18.88 -28.41 -30.15
C GLU A 82 -17.98 -28.64 -31.36
N TRP A 83 -17.86 -27.59 -32.25
CA TRP A 83 -17.02 -27.68 -33.46
C TRP A 83 -15.83 -26.75 -33.29
N ASP A 84 -16.09 -25.46 -32.90
CA ASP A 84 -15.03 -24.46 -32.70
C ASP A 84 -15.14 -23.99 -31.27
N ARG A 85 -13.98 -23.52 -30.68
CA ARG A 85 -13.92 -23.03 -29.30
C ARG A 85 -14.63 -21.69 -29.19
N LYS A 86 -14.46 -20.82 -30.24
CA LYS A 86 -15.09 -19.49 -30.28
C LYS A 86 -15.95 -19.42 -31.57
N ASP A 1 -15.09 -9.38 -1.48
CA ASP A 1 -14.92 -9.16 -2.95
C ASP A 1 -13.96 -8.00 -3.18
N SER A 2 -14.33 -6.78 -2.70
CA SER A 2 -13.50 -5.59 -2.84
C SER A 2 -13.68 -4.81 -1.57
N GLU A 3 -12.69 -3.92 -1.24
CA GLU A 3 -12.76 -3.11 -0.03
C GLU A 3 -12.05 -1.80 -0.34
N PHE A 4 -11.49 -1.08 0.73
CA PHE A 4 -10.82 0.24 0.64
C PHE A 4 -11.80 1.30 0.07
N PRO A 5 -13.01 1.59 0.70
CA PRO A 5 -13.91 2.62 0.15
C PRO A 5 -13.53 4.05 0.52
N CYS A 6 -13.24 4.87 -0.52
CA CYS A 6 -12.93 6.31 -0.41
C CYS A 6 -12.62 6.72 -1.87
N PRO A 7 -12.81 8.02 -2.29
CA PRO A 7 -12.49 8.47 -3.68
C PRO A 7 -10.99 8.62 -3.88
N ARG A 8 -10.44 8.88 -5.14
CA ARG A 8 -8.98 9.05 -5.28
C ARG A 8 -8.61 10.26 -4.45
N LYS A 9 -7.59 10.03 -3.58
CA LYS A 9 -7.19 10.98 -2.59
C LYS A 9 -5.85 11.64 -2.93
N GLN A 10 -5.64 12.76 -2.22
CA GLN A 10 -4.55 13.69 -2.38
C GLN A 10 -3.27 13.25 -1.66
N GLN A 11 -2.14 13.13 -2.46
CA GLN A 11 -0.83 12.78 -1.93
C GLN A 11 0.01 14.06 -1.67
N PRO A 12 0.62 14.25 -0.45
CA PRO A 12 1.49 15.42 -0.19
C PRO A 12 2.93 15.25 -0.71
N ALA A 13 3.78 16.33 -0.60
CA ALA A 13 5.18 16.28 -1.07
C ALA A 13 6.02 15.60 0.01
N GLY A 14 7.12 14.87 -0.42
CA GLY A 14 8.02 14.18 0.51
C GLY A 14 7.42 12.83 0.89
N ASN A 15 6.61 12.24 -0.04
CA ASN A 15 5.91 10.98 0.19
C ASN A 15 6.79 9.80 -0.16
N SER A 16 6.34 8.58 0.30
CA SER A 16 6.93 7.33 -0.11
C SER A 16 5.97 6.27 0.44
N GLU A 17 4.70 6.16 -0.15
CA GLU A 17 3.71 5.22 0.35
C GLU A 17 2.52 5.65 -0.38
N CYS A 18 1.48 4.80 -0.41
CA CYS A 18 0.22 5.25 -0.93
C CYS A 18 -0.81 4.54 -0.12
N SER A 19 -1.64 5.34 0.57
CA SER A 19 -2.73 4.88 1.40
C SER A 19 -3.46 6.07 1.67
N TYR A 20 -4.66 5.98 2.33
CA TYR A 20 -5.16 7.23 2.81
C TYR A 20 -5.77 7.05 4.17
N TYR A 21 -6.18 8.19 4.76
CA TYR A 21 -6.77 8.25 6.05
C TYR A 21 -7.96 9.18 5.89
N CYS A 22 -9.17 8.57 5.90
CA CYS A 22 -10.42 9.27 5.64
C CYS A 22 -11.40 8.45 6.40
N GLU A 23 -12.57 9.01 6.78
CA GLU A 23 -13.57 8.27 7.55
C GLU A 23 -14.72 7.84 6.66
N MET A 24 -14.88 6.47 6.42
CA MET A 24 -16.01 5.97 5.64
C MET A 24 -16.58 4.80 6.41
N ASN A 25 -17.96 4.82 6.54
CA ASN A 25 -18.78 3.80 7.23
C ASN A 25 -18.61 3.91 8.77
N GLY A 26 -18.17 5.12 9.29
CA GLY A 26 -18.04 5.35 10.76
C GLY A 26 -16.74 4.80 11.30
N GLN A 27 -15.81 4.39 10.41
CA GLN A 27 -14.51 3.83 10.78
C GLN A 27 -13.53 4.50 9.91
N TRP A 28 -12.29 4.57 10.44
CA TRP A 28 -11.18 5.17 9.75
C TRP A 28 -10.81 4.18 8.69
N LYS A 29 -10.69 4.65 7.42
CA LYS A 29 -10.39 3.75 6.35
C LYS A 29 -9.28 4.29 5.56
N LEU A 30 -8.69 3.35 4.80
CA LEU A 30 -7.58 3.58 3.96
C LEU A 30 -8.18 3.78 2.59
N GLY A 31 -7.63 4.76 1.81
CA GLY A 31 -8.15 5.10 0.51
C GLY A 31 -7.08 4.85 -0.45
N LYS A 32 -7.30 5.28 -1.70
CA LYS A 32 -6.37 5.03 -2.74
C LYS A 32 -5.92 6.34 -3.38
N PHE A 33 -4.59 6.38 -3.70
CA PHE A 33 -3.94 7.49 -4.42
C PHE A 33 -3.85 7.07 -5.86
N GLN A 34 -3.33 8.00 -6.76
CA GLN A 34 -3.18 7.72 -8.19
C GLN A 34 -2.55 6.35 -8.31
N ASN A 35 -3.30 5.38 -8.93
CA ASN A 35 -2.90 3.97 -9.02
C ASN A 35 -1.46 3.80 -9.46
N GLY A 36 -0.52 3.48 -8.48
CA GLY A 36 0.85 3.26 -8.84
C GLY A 36 1.72 4.47 -8.62
N ALA A 37 1.65 5.27 -7.45
CA ALA A 37 2.56 6.42 -7.33
C ALA A 37 3.96 5.98 -6.98
N ARG A 38 4.96 6.90 -7.12
CA ARG A 38 6.37 6.57 -6.83
C ARG A 38 6.54 6.47 -5.32
N CYS A 39 7.40 5.50 -4.88
CA CYS A 39 7.61 5.19 -3.47
C CYS A 39 9.06 5.52 -3.15
N ASP A 40 9.59 5.02 -1.95
CA ASP A 40 11.02 5.22 -1.55
C ASP A 40 11.85 4.49 -2.59
N TYR A 41 11.13 3.55 -3.25
CA TYR A 41 11.61 2.74 -4.33
C TYR A 41 11.35 3.56 -5.62
N ASN A 42 12.22 4.63 -5.82
CA ASN A 42 12.12 5.53 -6.97
C ASN A 42 13.53 5.69 -7.51
N ALA A 43 14.51 6.08 -6.62
CA ALA A 43 15.91 6.31 -7.03
C ALA A 43 16.80 5.22 -6.45
N VAL A 44 16.30 3.94 -6.49
CA VAL A 44 17.06 2.78 -5.99
C VAL A 44 16.56 1.60 -6.82
N LYS A 45 15.20 1.49 -6.96
CA LYS A 45 14.52 0.46 -7.75
C LYS A 45 13.33 1.20 -8.29
N ASP A 46 12.49 0.55 -9.16
CA ASP A 46 11.25 1.17 -9.68
C ASP A 46 10.19 0.91 -8.62
N GLY A 47 8.95 1.46 -8.74
CA GLY A 47 7.97 1.22 -7.72
C GLY A 47 6.70 1.78 -8.20
N VAL A 48 5.59 1.23 -7.67
CA VAL A 48 4.26 1.66 -8.03
C VAL A 48 3.43 1.47 -6.78
N CYS A 49 3.03 2.59 -6.05
CA CYS A 49 2.30 2.43 -4.83
C CYS A 49 0.85 2.68 -4.95
N ASN A 50 0.02 1.76 -4.32
CA ASN A 50 -1.40 1.94 -4.19
C ASN A 50 -1.97 0.76 -3.46
N GLU A 51 -3.09 1.03 -2.67
CA GLU A 51 -3.85 0.00 -1.91
C GLU A 51 -3.20 -0.24 -0.56
N GLY A 52 -2.86 0.91 0.09
CA GLY A 52 -2.49 0.92 1.48
C GLY A 52 -1.04 0.96 1.88
N LEU A 53 -0.03 0.47 1.11
CA LEU A 53 1.35 0.41 1.69
C LEU A 53 2.39 0.87 0.66
N CYS A 54 3.76 0.68 0.94
CA CYS A 54 4.82 1.09 0.02
C CYS A 54 5.15 -0.13 -0.80
N TYR A 55 5.47 0.08 -2.12
CA TYR A 55 5.67 -1.03 -3.05
C TYR A 55 6.90 -0.77 -3.89
N ALA A 56 7.48 -1.90 -4.43
CA ALA A 56 8.67 -1.85 -5.27
C ALA A 56 8.35 -2.67 -6.51
N SER A 57 9.08 -2.38 -7.63
CA SER A 57 8.91 -3.09 -8.90
C SER A 57 10.27 -3.10 -9.56
N GLY A 58 10.48 -4.08 -10.51
CA GLY A 58 11.74 -4.20 -11.29
C GLY A 58 12.59 -5.30 -10.72
N ASP A 59 12.61 -5.45 -9.36
CA ASP A 59 13.38 -6.50 -8.70
C ASP A 59 12.71 -6.70 -7.35
N SER A 60 12.75 -7.97 -6.86
CA SER A 60 12.16 -8.33 -5.56
C SER A 60 13.10 -9.33 -4.94
N ALA A 61 13.22 -9.32 -3.58
CA ALA A 61 14.10 -10.24 -2.87
C ALA A 61 13.59 -10.33 -1.45
N SER A 62 13.38 -9.14 -0.81
CA SER A 62 12.89 -9.06 0.57
C SER A 62 11.89 -7.94 0.60
N ASN A 63 10.93 -8.03 1.58
CA ASN A 63 9.89 -7.02 1.76
C ASN A 63 9.91 -6.66 3.22
N THR A 64 9.59 -5.36 3.54
CA THR A 64 9.58 -4.86 4.93
C THR A 64 8.14 -4.69 5.38
N GLN A 65 7.17 -4.65 4.41
CA GLN A 65 5.75 -4.49 4.71
C GLN A 65 5.02 -5.55 3.92
N ASN A 66 3.88 -6.04 4.48
CA ASN A 66 3.06 -7.07 3.84
C ASN A 66 1.63 -6.62 4.01
N GLN A 67 0.71 -7.19 3.17
CA GLN A 67 -0.72 -6.85 3.21
C GLN A 67 -1.39 -7.78 4.19
N GLY A 68 -2.26 -7.22 5.08
CA GLY A 68 -2.99 -8.01 6.06
C GLY A 68 -3.74 -7.04 6.91
N GLY A 69 -4.47 -7.57 7.93
CA GLY A 69 -5.24 -6.73 8.83
C GLY A 69 -5.89 -7.64 9.83
N SER A 70 -6.57 -7.03 10.85
CA SER A 70 -7.26 -7.78 11.90
C SER A 70 -8.49 -7.00 12.22
N ARG A 71 -9.56 -7.70 12.74
CA ARG A 71 -10.83 -7.06 13.11
C ARG A 71 -11.09 -7.45 14.54
N ARG A 72 -11.25 -6.42 15.43
CA ARG A 72 -11.52 -6.64 16.85
C ARG A 72 -12.60 -5.65 17.23
N GLN A 73 -13.43 -6.00 18.26
CA GLN A 73 -14.51 -5.13 18.73
C GLN A 73 -14.40 -5.13 20.25
N GLU A 74 -14.75 -3.98 20.90
CA GLU A 74 -14.69 -3.84 22.37
C GLU A 74 -16.08 -4.06 22.92
N ASN A 75 -17.12 -3.71 22.10
CA ASN A 75 -18.52 -3.85 22.51
C ASN A 75 -19.30 -3.93 21.21
N GLU A 76 -20.55 -4.49 21.29
CA GLU A 76 -21.43 -4.62 20.13
C GLU A 76 -22.76 -4.01 20.53
N ASP A 77 -23.36 -3.16 19.63
CA ASP A 77 -24.64 -2.51 19.91
C ASP A 77 -25.25 -2.22 18.55
N GLN A 78 -24.94 -3.13 17.53
CA GLN A 78 -25.43 -3.04 16.13
C GLN A 78 -24.79 -1.83 15.43
N GLY A 79 -25.33 -1.42 14.25
CA GLY A 79 -24.79 -0.28 13.53
C GLY A 79 -25.60 -0.13 12.28
N ASP A 80 -25.22 0.87 11.43
CA ASP A 80 -25.90 1.15 10.17
C ASP A 80 -24.82 1.19 9.12
N ASP A 81 -25.14 0.72 7.87
CA ASP A 81 -24.17 0.70 6.76
C ASP A 81 -24.67 1.69 5.73
N GLU A 82 -23.74 2.54 5.18
CA GLU A 82 -24.08 3.57 4.16
C GLU A 82 -24.34 2.90 2.82
N TRP A 83 -23.53 1.84 2.49
CA TRP A 83 -23.66 1.10 1.21
C TRP A 83 -24.92 0.24 1.23
N ASP A 84 -25.22 -0.39 2.44
CA ASP A 84 -26.40 -1.26 2.68
C ASP A 84 -26.35 -2.48 1.72
N ARG A 85 -25.15 -3.14 1.66
CA ARG A 85 -24.93 -4.31 0.80
C ARG A 85 -24.63 -5.48 1.71
N LYS A 86 -23.70 -5.27 2.69
CA LYS A 86 -23.30 -6.31 3.64
C LYS A 86 -23.19 -5.64 5.03
N ASP A 1 -13.06 -9.08 -6.01
CA ASP A 1 -12.52 -9.04 -4.62
C ASP A 1 -11.66 -7.81 -4.44
N SER A 2 -12.30 -6.68 -3.98
CA SER A 2 -11.61 -5.42 -3.76
C SER A 2 -12.19 -4.85 -2.49
N GLU A 3 -11.42 -3.93 -1.84
CA GLU A 3 -11.86 -3.29 -0.60
C GLU A 3 -11.31 -1.86 -0.64
N PHE A 4 -11.04 -1.22 0.57
CA PHE A 4 -10.55 0.19 0.71
C PHE A 4 -11.60 1.17 0.11
N PRO A 5 -12.86 1.29 0.70
CA PRO A 5 -13.85 2.22 0.13
C PRO A 5 -13.63 3.67 0.57
N CYS A 6 -13.34 4.55 -0.43
CA CYS A 6 -13.14 6.00 -0.23
C CYS A 6 -12.89 6.53 -1.65
N PRO A 7 -13.01 7.88 -1.94
CA PRO A 7 -12.70 8.44 -3.30
C PRO A 7 -11.20 8.49 -3.53
N ARG A 8 -10.71 8.78 -4.80
CA ARG A 8 -9.23 8.88 -5.01
C ARG A 8 -8.77 10.04 -4.16
N LYS A 9 -7.70 9.74 -3.38
CA LYS A 9 -7.20 10.61 -2.36
C LYS A 9 -6.17 11.61 -2.90
N GLN A 10 -5.54 12.39 -1.97
CA GLN A 10 -4.67 13.48 -2.29
C GLN A 10 -3.37 13.35 -1.50
N GLN A 11 -2.20 13.14 -2.20
CA GLN A 11 -0.90 13.00 -1.53
C GLN A 11 -0.14 14.37 -1.53
N PRO A 12 0.67 14.69 -0.45
CA PRO A 12 1.49 15.93 -0.43
C PRO A 12 2.85 15.73 -1.12
N ALA A 13 3.69 16.81 -1.19
CA ALA A 13 5.03 16.73 -1.82
C ALA A 13 5.99 16.08 -0.83
N GLY A 14 6.95 15.24 -1.34
CA GLY A 14 7.92 14.53 -0.49
C GLY A 14 7.33 13.22 -0.03
N ASN A 15 6.40 12.65 -0.85
CA ASN A 15 5.69 11.40 -0.54
C ASN A 15 6.56 10.19 -0.90
N SER A 16 6.32 9.03 -0.21
CA SER A 16 6.99 7.78 -0.55
C SER A 16 6.25 6.67 0.20
N GLU A 17 4.95 6.32 -0.22
CA GLU A 17 4.14 5.32 0.45
C GLU A 17 2.84 5.59 -0.16
N CYS A 18 1.82 4.80 0.25
CA CYS A 18 0.50 5.03 -0.23
C CYS A 18 -0.42 4.39 0.72
N SER A 19 -1.25 5.23 1.34
CA SER A 19 -2.35 4.85 2.19
C SER A 19 -3.00 6.11 2.39
N TYR A 20 -4.30 6.16 2.78
CA TYR A 20 -4.74 7.46 3.17
C TYR A 20 -5.69 7.40 4.30
N TYR A 21 -6.21 8.59 4.70
CA TYR A 21 -7.08 8.73 5.82
C TYR A 21 -8.28 9.50 5.36
N CYS A 22 -9.47 8.95 5.69
CA CYS A 22 -10.74 9.50 5.32
C CYS A 22 -11.69 8.77 6.23
N GLU A 23 -12.94 9.26 6.37
CA GLU A 23 -13.91 8.58 7.24
C GLU A 23 -15.01 7.98 6.38
N MET A 24 -15.08 6.59 6.27
CA MET A 24 -16.14 5.93 5.53
C MET A 24 -16.66 4.82 6.40
N ASN A 25 -18.04 4.73 6.49
CA ASN A 25 -18.81 3.74 7.29
C ASN A 25 -18.68 3.99 8.80
N GLY A 26 -18.32 5.27 9.22
CA GLY A 26 -18.23 5.64 10.65
C GLY A 26 -16.91 5.19 11.26
N GLN A 27 -15.94 4.80 10.40
CA GLN A 27 -14.63 4.34 10.83
C GLN A 27 -13.66 5.02 9.95
N TRP A 28 -12.43 5.15 10.47
CA TRP A 28 -11.35 5.78 9.79
C TRP A 28 -10.88 4.74 8.80
N LYS A 29 -10.94 5.06 7.49
CA LYS A 29 -10.58 4.11 6.48
C LYS A 29 -9.42 4.63 5.73
N LEU A 30 -8.77 3.67 5.05
CA LEU A 30 -7.61 3.89 4.26
C LEU A 30 -8.12 3.94 2.85
N GLY A 31 -7.51 4.84 2.00
CA GLY A 31 -7.98 5.03 0.66
C GLY A 31 -6.86 4.83 -0.24
N LYS A 32 -7.07 5.18 -1.53
CA LYS A 32 -6.11 4.92 -2.54
C LYS A 32 -5.77 6.15 -3.35
N PHE A 33 -4.43 6.34 -3.60
CA PHE A 33 -3.88 7.42 -4.46
C PHE A 33 -3.83 6.91 -5.87
N GLN A 34 -3.29 7.80 -6.82
CA GLN A 34 -3.12 7.44 -8.22
C GLN A 34 -2.41 6.10 -8.23
N ASN A 35 -3.05 5.04 -8.84
CA ASN A 35 -2.48 3.67 -8.86
C ASN A 35 -1.03 3.75 -9.31
N GLY A 36 -0.05 3.45 -8.36
CA GLY A 36 1.35 3.56 -8.71
C GLY A 36 1.97 4.77 -8.08
N ALA A 37 1.61 5.15 -6.77
CA ALA A 37 2.26 6.25 -6.08
C ALA A 37 3.73 5.90 -5.91
N ARG A 38 4.63 6.91 -5.92
CA ARG A 38 6.06 6.64 -5.79
C ARG A 38 6.32 6.23 -4.36
N CYS A 39 7.25 5.26 -4.15
CA CYS A 39 7.53 4.72 -2.81
C CYS A 39 8.95 5.04 -2.44
N ASP A 40 9.48 4.42 -1.31
CA ASP A 40 10.88 4.59 -0.86
C ASP A 40 11.75 3.78 -1.81
N TYR A 41 11.03 3.15 -2.78
CA TYR A 41 11.58 2.32 -3.81
C TYR A 41 11.61 3.13 -5.13
N ASN A 42 11.50 4.51 -5.05
CA ASN A 42 11.53 5.41 -6.24
C ASN A 42 12.96 5.56 -6.79
N ALA A 43 13.98 5.75 -5.91
CA ALA A 43 15.37 6.01 -6.36
C ALA A 43 16.25 4.78 -6.12
N VAL A 44 15.72 3.57 -6.46
CA VAL A 44 16.46 2.31 -6.31
C VAL A 44 15.79 1.30 -7.25
N LYS A 45 14.42 1.34 -7.33
CA LYS A 45 13.63 0.46 -8.21
C LYS A 45 12.70 1.40 -8.98
N ASP A 46 11.60 0.89 -9.67
CA ASP A 46 10.70 1.76 -10.47
C ASP A 46 9.84 2.64 -9.55
N GLY A 47 9.31 2.08 -8.41
CA GLY A 47 8.48 2.85 -7.46
C GLY A 47 7.04 2.90 -7.92
N VAL A 48 6.28 1.77 -7.71
CA VAL A 48 4.85 1.65 -8.08
C VAL A 48 4.20 1.20 -6.80
N CYS A 49 3.29 2.05 -6.16
CA CYS A 49 2.68 1.66 -4.92
C CYS A 49 1.23 2.12 -4.81
N ASN A 50 0.32 1.24 -4.21
CA ASN A 50 -1.08 1.65 -3.92
C ASN A 50 -1.74 0.59 -3.07
N GLU A 51 -2.77 1.05 -2.22
CA GLU A 51 -3.62 0.15 -1.38
C GLU A 51 -3.00 -0.15 -0.02
N GLY A 52 -2.60 0.95 0.67
CA GLY A 52 -2.25 0.90 2.08
C GLY A 52 -0.82 0.83 2.52
N LEU A 53 0.17 0.28 1.78
CA LEU A 53 1.51 0.09 2.40
C LEU A 53 2.56 0.45 1.36
N CYS A 54 3.92 0.18 1.58
CA CYS A 54 4.94 0.54 0.59
C CYS A 54 5.18 -0.69 -0.29
N TYR A 55 5.37 -0.45 -1.62
CA TYR A 55 5.49 -1.52 -2.59
C TYR A 55 6.60 -1.18 -3.54
N ALA A 56 7.05 -2.20 -4.35
CA ALA A 56 8.12 -2.02 -5.31
C ALA A 56 7.77 -2.88 -6.50
N SER A 57 8.24 -2.48 -7.72
CA SER A 57 7.98 -3.23 -8.95
C SER A 57 9.19 -2.99 -9.83
N GLY A 58 9.39 -3.90 -10.85
CA GLY A 58 10.50 -3.77 -11.82
C GLY A 58 11.55 -4.80 -11.53
N ASP A 59 11.77 -5.12 -10.22
CA ASP A 59 12.76 -6.11 -9.80
C ASP A 59 12.07 -7.02 -8.81
N SER A 60 11.95 -8.33 -9.18
CA SER A 60 11.33 -9.34 -8.34
C SER A 60 12.12 -10.60 -8.56
N ALA A 61 12.21 -11.47 -7.51
CA ALA A 61 12.94 -12.72 -7.59
C ALA A 61 12.34 -13.65 -6.57
N SER A 62 12.27 -13.20 -5.29
CA SER A 62 11.69 -13.99 -4.21
C SER A 62 10.92 -13.02 -3.34
N ASN A 63 9.83 -13.53 -2.70
CA ASN A 63 8.98 -12.74 -1.82
C ASN A 63 8.85 -13.53 -0.55
N THR A 64 8.58 -12.81 0.58
CA THR A 64 8.43 -13.43 1.91
C THR A 64 7.11 -12.94 2.46
N GLN A 65 6.56 -13.69 3.47
CA GLN A 65 5.30 -13.36 4.12
C GLN A 65 5.58 -12.38 5.24
N ASN A 66 4.83 -11.23 5.24
CA ASN A 66 5.00 -10.17 6.24
C ASN A 66 3.61 -9.78 6.66
N GLN A 67 3.43 -9.53 8.00
CA GLN A 67 2.14 -9.14 8.55
C GLN A 67 2.48 -8.26 9.74
N GLY A 68 1.83 -7.06 9.80
CA GLY A 68 2.07 -6.12 10.89
C GLY A 68 1.32 -4.87 10.55
N GLY A 69 1.45 -3.85 11.43
CA GLY A 69 0.76 -2.57 11.22
C GLY A 69 1.34 -1.60 12.20
N SER A 70 2.70 -1.64 12.37
CA SER A 70 3.40 -0.75 13.29
C SER A 70 4.69 -0.37 12.60
N ARG A 71 5.24 0.83 12.95
CA ARG A 71 6.49 1.32 12.36
C ARG A 71 7.33 1.79 13.54
N ARG A 72 8.68 1.64 13.41
CA ARG A 72 9.62 2.05 14.46
C ARG A 72 10.59 3.02 13.83
N GLN A 73 11.12 2.67 12.61
CA GLN A 73 12.08 3.51 11.89
C GLN A 73 11.56 3.59 10.47
N GLU A 74 11.87 4.74 9.76
CA GLU A 74 11.44 4.96 8.38
C GLU A 74 12.61 4.65 7.46
N ASN A 75 13.84 4.54 8.04
CA ASN A 75 15.05 4.24 7.28
C ASN A 75 16.00 3.58 8.26
N GLU A 76 16.79 2.57 7.78
CA GLU A 76 17.73 1.83 8.63
C GLU A 76 19.13 2.01 8.07
N ASP A 77 19.24 2.75 6.91
CA ASP A 77 20.52 3.00 6.24
C ASP A 77 20.99 4.43 6.59
N GLN A 78 20.17 5.16 7.44
CA GLN A 78 20.44 6.53 7.90
C GLN A 78 20.42 7.49 6.70
N GLY A 79 21.62 7.99 6.27
CA GLY A 79 21.71 8.91 5.14
C GLY A 79 23.09 9.48 5.14
N ASP A 80 24.11 8.58 5.25
CA ASP A 80 25.52 8.99 5.28
C ASP A 80 26.25 8.07 4.34
N ASP A 81 27.37 8.58 3.73
CA ASP A 81 28.19 7.81 2.80
C ASP A 81 29.61 7.89 3.32
N GLU A 82 30.38 6.74 3.27
CA GLU A 82 31.76 6.69 3.76
C GLU A 82 32.75 7.08 2.65
N TRP A 83 32.28 7.11 1.35
CA TRP A 83 33.14 7.47 0.21
C TRP A 83 33.40 8.97 0.20
N ASP A 84 32.31 9.78 0.53
CA ASP A 84 32.35 11.28 0.58
C ASP A 84 32.72 11.85 -0.79
N ARG A 85 32.16 11.25 -1.89
CA ARG A 85 32.42 11.69 -3.27
C ARG A 85 31.13 12.25 -3.83
N LYS A 86 29.98 11.58 -3.50
CA LYS A 86 28.66 12.02 -3.97
C LYS A 86 27.70 11.97 -2.74
N ASP A 1 -13.04 -9.01 -6.19
CA ASP A 1 -12.50 -8.94 -4.79
C ASP A 1 -11.68 -7.67 -4.64
N SER A 2 -12.35 -6.59 -4.13
CA SER A 2 -11.69 -5.29 -3.92
C SER A 2 -12.23 -4.76 -2.62
N GLU A 3 -11.46 -3.82 -1.98
CA GLU A 3 -11.87 -3.21 -0.71
C GLU A 3 -11.32 -1.80 -0.72
N PHE A 4 -11.04 -1.18 0.50
CA PHE A 4 -10.54 0.21 0.68
C PHE A 4 -11.61 1.20 0.11
N PRO A 5 -12.86 1.32 0.72
CA PRO A 5 -13.86 2.25 0.17
C PRO A 5 -13.65 3.68 0.63
N CYS A 6 -13.38 4.59 -0.36
CA CYS A 6 -13.18 6.03 -0.15
C CYS A 6 -12.96 6.58 -1.57
N PRO A 7 -13.10 7.93 -1.85
CA PRO A 7 -12.81 8.49 -3.20
C PRO A 7 -11.31 8.56 -3.46
N ARG A 8 -10.84 8.84 -4.74
CA ARG A 8 -9.37 8.95 -4.97
C ARG A 8 -8.90 10.11 -4.14
N LYS A 9 -7.83 9.81 -3.35
CA LYS A 9 -7.33 10.68 -2.34
C LYS A 9 -6.27 11.64 -2.90
N GLN A 10 -5.87 12.59 -2.03
CA GLN A 10 -4.99 13.68 -2.35
C GLN A 10 -3.62 13.47 -1.70
N GLN A 11 -2.56 13.27 -2.55
CA GLN A 11 -1.21 13.02 -2.09
C GLN A 11 -0.38 14.34 -2.03
N PRO A 12 0.23 14.71 -0.86
CA PRO A 12 1.10 15.92 -0.77
C PRO A 12 2.54 15.65 -1.25
N ALA A 13 3.39 16.74 -1.33
CA ALA A 13 4.79 16.62 -1.76
C ALA A 13 5.63 16.09 -0.61
N GLY A 14 6.74 15.33 -0.94
CA GLY A 14 7.62 14.74 0.07
C GLY A 14 7.08 13.39 0.48
N ASN A 15 6.34 12.73 -0.47
CA ASN A 15 5.71 11.42 -0.25
C ASN A 15 6.56 10.33 -0.88
N SER A 16 6.53 9.11 -0.24
CA SER A 16 7.15 7.92 -0.80
C SER A 16 6.43 6.74 -0.10
N GLU A 17 5.09 6.43 -0.48
CA GLU A 17 4.29 5.40 0.19
C GLU A 17 2.97 5.66 -0.39
N CYS A 18 1.94 4.91 0.04
CA CYS A 18 0.61 5.17 -0.41
C CYS A 18 -0.32 4.55 0.55
N SER A 19 -1.13 5.40 1.16
CA SER A 19 -2.24 5.03 2.03
C SER A 19 -2.92 6.27 2.24
N TYR A 20 -4.22 6.27 2.69
CA TYR A 20 -4.69 7.55 3.10
C TYR A 20 -5.63 7.44 4.24
N TYR A 21 -6.18 8.62 4.66
CA TYR A 21 -7.04 8.72 5.81
C TYR A 21 -8.27 9.47 5.39
N CYS A 22 -9.44 8.90 5.76
CA CYS A 22 -10.73 9.44 5.43
C CYS A 22 -11.64 8.67 6.33
N GLU A 23 -12.90 9.14 6.52
CA GLU A 23 -13.84 8.42 7.39
C GLU A 23 -14.97 7.86 6.53
N MET A 24 -15.06 6.47 6.39
CA MET A 24 -16.16 5.86 5.64
C MET A 24 -16.71 4.75 6.50
N ASN A 25 -18.09 4.77 6.65
CA ASN A 25 -18.89 3.79 7.45
C ASN A 25 -18.66 3.95 8.95
N GLY A 26 -18.20 5.17 9.42
CA GLY A 26 -18.00 5.45 10.88
C GLY A 26 -16.70 4.84 11.37
N GLN A 27 -15.74 4.59 10.44
CA GLN A 27 -14.46 3.99 10.75
C GLN A 27 -13.49 4.71 9.89
N TRP A 28 -12.29 4.98 10.48
CA TRP A 28 -11.22 5.65 9.81
C TRP A 28 -10.72 4.63 8.81
N LYS A 29 -10.81 4.97 7.51
CA LYS A 29 -10.45 4.05 6.48
C LYS A 29 -9.30 4.60 5.72
N LEU A 30 -8.65 3.66 5.02
CA LEU A 30 -7.50 3.91 4.24
C LEU A 30 -8.04 3.99 2.83
N GLY A 31 -7.48 4.90 1.99
CA GLY A 31 -7.98 5.11 0.66
C GLY A 31 -6.88 4.91 -0.27
N LYS A 32 -7.13 5.28 -1.54
CA LYS A 32 -6.17 5.01 -2.58
C LYS A 32 -5.83 6.26 -3.38
N PHE A 33 -4.49 6.42 -3.63
CA PHE A 33 -3.92 7.50 -4.46
C PHE A 33 -3.85 7.03 -5.88
N GLN A 34 -3.34 7.94 -6.79
CA GLN A 34 -3.13 7.64 -8.22
C GLN A 34 -2.45 6.28 -8.26
N ASN A 35 -3.14 5.26 -8.87
CA ASN A 35 -2.63 3.89 -8.94
C ASN A 35 -1.19 3.89 -9.42
N GLY A 36 -0.19 3.57 -8.50
CA GLY A 36 1.20 3.62 -8.88
C GLY A 36 1.90 4.82 -8.27
N ALA A 37 1.59 5.22 -6.95
CA ALA A 37 2.31 6.29 -6.29
C ALA A 37 3.76 5.90 -6.13
N ARG A 38 4.67 6.90 -6.04
CA ARG A 38 6.10 6.62 -5.92
C ARG A 38 6.33 6.17 -4.49
N CYS A 39 7.26 5.19 -4.27
CA CYS A 39 7.51 4.61 -2.95
C CYS A 39 8.93 4.89 -2.53
N ASP A 40 9.38 4.25 -1.38
CA ASP A 40 10.77 4.40 -0.88
C ASP A 40 11.66 3.56 -1.78
N TYR A 41 10.98 2.93 -2.79
CA TYR A 41 11.57 2.10 -3.80
C TYR A 41 11.64 2.89 -5.11
N ASN A 42 11.44 4.26 -5.05
CA ASN A 42 11.46 5.13 -6.25
C ASN A 42 12.90 5.32 -6.78
N ALA A 43 13.92 5.52 -5.87
CA ALA A 43 15.30 5.80 -6.31
C ALA A 43 16.22 4.64 -5.98
N VAL A 44 15.78 3.37 -6.32
CA VAL A 44 16.58 2.16 -6.07
C VAL A 44 16.02 1.09 -7.01
N LYS A 45 14.64 1.03 -7.12
CA LYS A 45 13.93 0.11 -8.01
C LYS A 45 12.94 1.01 -8.73
N ASP A 46 11.80 0.45 -9.28
CA ASP A 46 10.77 1.29 -9.93
C ASP A 46 9.72 1.51 -8.84
N GLY A 47 9.19 2.77 -8.72
CA GLY A 47 8.24 3.12 -7.66
C GLY A 47 6.83 3.11 -8.19
N VAL A 48 6.09 1.99 -7.91
CA VAL A 48 4.69 1.83 -8.31
C VAL A 48 4.06 1.33 -7.04
N CYS A 49 3.18 2.15 -6.37
CA CYS A 49 2.60 1.75 -5.12
C CYS A 49 1.15 2.22 -4.97
N ASN A 50 0.24 1.36 -4.35
CA ASN A 50 -1.14 1.78 -4.04
C ASN A 50 -1.79 0.72 -3.17
N GLU A 51 -2.81 1.19 -2.32
CA GLU A 51 -3.64 0.29 -1.47
C GLU A 51 -3.02 0.01 -0.10
N GLY A 52 -2.59 1.12 0.55
CA GLY A 52 -2.24 1.09 1.96
C GLY A 52 -0.81 0.97 2.38
N LEU A 53 0.13 0.38 1.64
CA LEU A 53 1.48 0.12 2.23
C LEU A 53 2.53 0.47 1.20
N CYS A 54 3.88 0.14 1.40
CA CYS A 54 4.91 0.49 0.42
C CYS A 54 5.10 -0.73 -0.46
N TYR A 55 5.36 -0.47 -1.79
CA TYR A 55 5.45 -1.53 -2.80
C TYR A 55 6.62 -1.22 -3.69
N ALA A 56 7.10 -2.26 -4.43
CA ALA A 56 8.22 -2.12 -5.35
C ALA A 56 7.87 -2.88 -6.60
N SER A 57 8.43 -2.43 -7.77
CA SER A 57 8.20 -3.12 -9.04
C SER A 57 9.52 -3.12 -9.77
N GLY A 58 9.69 -4.10 -10.72
CA GLY A 58 10.91 -4.22 -11.54
C GLY A 58 11.73 -5.39 -11.05
N ASP A 59 11.76 -5.60 -9.71
CA ASP A 59 12.48 -6.72 -9.09
C ASP A 59 11.57 -7.25 -8.02
N SER A 60 11.17 -8.55 -8.14
CA SER A 60 10.30 -9.20 -7.16
C SER A 60 10.81 -10.61 -7.02
N ALA A 61 10.64 -11.20 -5.79
CA ALA A 61 11.06 -12.57 -5.52
C ALA A 61 10.25 -13.02 -4.33
N SER A 62 10.48 -12.37 -3.14
CA SER A 62 9.76 -12.71 -1.91
C SER A 62 9.55 -11.40 -1.19
N ASN A 63 8.35 -11.23 -0.57
CA ASN A 63 8.00 -10.02 0.18
C ASN A 63 7.28 -10.50 1.41
N THR A 64 7.61 -9.88 2.59
CA THR A 64 6.97 -10.23 3.86
C THR A 64 6.76 -8.94 4.61
N GLN A 65 7.85 -8.13 4.76
CA GLN A 65 7.80 -6.84 5.45
C GLN A 65 8.49 -5.85 4.56
N ASN A 66 8.04 -4.56 4.60
CA ASN A 66 8.63 -3.48 3.82
C ASN A 66 8.82 -2.34 4.78
N GLN A 67 10.11 -1.92 5.00
CA GLN A 67 10.46 -0.83 5.91
C GLN A 67 11.41 0.06 5.17
N GLY A 68 11.36 1.39 5.47
CA GLY A 68 12.23 2.35 4.83
C GLY A 68 11.88 3.69 5.39
N GLY A 69 12.63 4.75 4.95
CA GLY A 69 12.38 6.10 5.41
C GLY A 69 13.56 6.93 5.01
N SER A 70 14.66 6.84 5.81
CA SER A 70 15.89 7.59 5.54
C SER A 70 17.03 6.65 5.86
N ARG A 71 18.20 6.85 5.18
CA ARG A 71 19.39 6.02 5.39
C ARG A 71 20.54 6.98 5.57
N ARG A 72 21.55 6.57 6.41
CA ARG A 72 22.73 7.39 6.68
C ARG A 72 23.91 6.46 6.53
N GLN A 73 25.11 7.02 6.17
CA GLN A 73 26.34 6.25 5.99
C GLN A 73 27.41 6.98 6.77
N GLU A 74 28.43 6.20 7.28
CA GLU A 74 29.54 6.77 8.06
C GLU A 74 30.73 7.00 7.12
N ASN A 75 30.77 6.25 5.98
CA ASN A 75 31.84 6.36 5.01
C ASN A 75 31.19 6.40 3.64
N GLU A 76 31.79 7.20 2.69
CA GLU A 76 31.28 7.33 1.32
C GLU A 76 32.15 6.47 0.41
N ASP A 77 33.19 5.80 1.01
CA ASP A 77 34.12 4.94 0.29
C ASP A 77 33.55 3.53 0.23
N GLN A 78 32.68 3.17 1.24
CA GLN A 78 32.02 1.85 1.36
C GLN A 78 33.08 0.77 1.58
N GLY A 79 33.20 -0.25 0.67
CA GLY A 79 34.20 -1.30 0.81
C GLY A 79 34.18 -2.12 -0.43
N ASP A 80 34.01 -1.46 -1.61
CA ASP A 80 33.95 -2.14 -2.92
C ASP A 80 35.33 -2.06 -3.57
N ASP A 81 36.16 -1.03 -3.16
CA ASP A 81 37.49 -0.81 -3.73
C ASP A 81 38.54 -1.59 -2.93
N GLU A 82 38.14 -2.18 -1.75
CA GLU A 82 39.06 -2.97 -0.92
C GLU A 82 39.31 -4.33 -1.56
N TRP A 83 38.23 -4.95 -2.16
CA TRP A 83 38.32 -6.26 -2.80
C TRP A 83 38.64 -6.13 -4.28
N ASP A 84 37.99 -5.12 -4.98
CA ASP A 84 38.17 -4.86 -6.45
C ASP A 84 37.70 -6.07 -7.26
N ARG A 85 36.55 -6.70 -6.83
CA ARG A 85 35.99 -7.88 -7.50
C ARG A 85 34.66 -7.47 -8.11
N LYS A 86 33.86 -6.65 -7.37
CA LYS A 86 32.55 -6.19 -7.85
C LYS A 86 32.43 -4.70 -7.45
N ASP A 1 -14.12 -9.41 -2.87
CA ASP A 1 -13.88 -8.98 -4.29
C ASP A 1 -13.06 -7.71 -4.32
N SER A 2 -13.60 -6.61 -3.72
CA SER A 2 -12.91 -5.32 -3.66
C SER A 2 -13.19 -4.75 -2.30
N GLU A 3 -12.29 -3.83 -1.82
CA GLU A 3 -12.45 -3.20 -0.52
C GLU A 3 -11.78 -1.83 -0.63
N PHE A 4 -11.32 -1.23 0.54
CA PHE A 4 -10.69 0.13 0.63
C PHE A 4 -11.70 1.21 0.14
N PRO A 5 -12.90 1.42 0.82
CA PRO A 5 -13.84 2.43 0.34
C PRO A 5 -13.52 3.85 0.81
N CYS A 6 -13.26 4.74 -0.19
CA CYS A 6 -12.99 6.18 -0.02
C CYS A 6 -12.76 6.64 -1.47
N PRO A 7 -12.94 7.95 -1.84
CA PRO A 7 -12.67 8.42 -3.24
C PRO A 7 -11.18 8.51 -3.50
N ARG A 8 -10.70 8.75 -4.78
CA ARG A 8 -9.23 8.88 -5.02
C ARG A 8 -8.76 10.07 -4.22
N LYS A 9 -7.66 9.82 -3.45
CA LYS A 9 -7.16 10.76 -2.51
C LYS A 9 -5.84 11.39 -2.96
N GLN A 10 -5.56 12.49 -2.23
CA GLN A 10 -4.50 13.42 -2.46
C GLN A 10 -3.24 13.10 -1.62
N GLN A 11 -2.03 13.10 -2.29
CA GLN A 11 -0.74 12.91 -1.59
C GLN A 11 -0.11 14.28 -1.25
N PRO A 12 0.60 14.44 -0.08
CA PRO A 12 1.31 15.71 0.24
C PRO A 12 2.72 15.76 -0.36
N ALA A 13 3.51 16.85 -0.08
CA ALA A 13 4.89 16.98 -0.60
C ALA A 13 5.79 16.07 0.25
N GLY A 14 6.79 15.37 -0.40
CA GLY A 14 7.70 14.45 0.30
C GLY A 14 7.05 13.09 0.40
N ASN A 15 6.18 12.76 -0.62
CA ASN A 15 5.42 11.49 -0.66
C ASN A 15 6.32 10.31 -1.01
N SER A 16 6.03 9.11 -0.40
CA SER A 16 6.71 7.87 -0.76
C SER A 16 5.94 6.74 -0.05
N GLU A 17 4.67 6.40 -0.52
CA GLU A 17 3.83 5.39 0.10
C GLU A 17 2.56 5.66 -0.57
N CYS A 18 1.58 4.75 -0.47
CA CYS A 18 0.28 5.08 -0.98
C CYS A 18 -0.68 4.42 -0.06
N SER A 19 -1.50 5.25 0.59
CA SER A 19 -2.56 4.84 1.49
C SER A 19 -3.29 6.05 1.75
N TYR A 20 -4.46 6.00 2.45
CA TYR A 20 -4.93 7.26 2.91
C TYR A 20 -5.52 7.12 4.27
N TYR A 21 -5.94 8.27 4.85
CA TYR A 21 -6.52 8.36 6.15
C TYR A 21 -7.71 9.28 5.97
N CYS A 22 -8.92 8.67 6.03
CA CYS A 22 -10.17 9.34 5.76
C CYS A 22 -11.15 8.59 6.61
N GLU A 23 -12.34 9.15 6.86
CA GLU A 23 -13.35 8.48 7.69
C GLU A 23 -14.50 8.02 6.79
N MET A 24 -14.67 6.66 6.59
CA MET A 24 -15.79 6.15 5.80
C MET A 24 -16.47 5.09 6.65
N ASN A 25 -17.84 5.24 6.79
CA ASN A 25 -18.75 4.33 7.55
C ASN A 25 -18.53 4.46 9.07
N GLY A 26 -17.96 5.62 9.56
CA GLY A 26 -17.76 5.86 11.01
C GLY A 26 -16.49 5.19 11.52
N GLN A 27 -15.62 4.73 10.59
CA GLN A 27 -14.36 4.06 10.91
C GLN A 27 -13.36 4.72 10.06
N TRP A 28 -12.12 4.75 10.57
CA TRP A 28 -11.00 5.35 9.89
C TRP A 28 -10.65 4.34 8.82
N LYS A 29 -10.54 4.81 7.55
CA LYS A 29 -10.26 3.91 6.48
C LYS A 29 -9.16 4.47 5.68
N LEU A 30 -8.62 3.56 4.85
CA LEU A 30 -7.52 3.82 4.01
C LEU A 30 -8.11 4.05 2.63
N GLY A 31 -7.52 5.01 1.86
CA GLY A 31 -8.02 5.38 0.54
C GLY A 31 -6.97 5.00 -0.41
N LYS A 32 -7.19 5.36 -1.69
CA LYS A 32 -6.27 4.97 -2.72
C LYS A 32 -5.85 6.16 -3.54
N PHE A 33 -4.47 6.30 -3.69
CA PHE A 33 -3.82 7.35 -4.50
C PHE A 33 -3.72 6.88 -5.91
N GLN A 34 -3.23 7.79 -6.85
CA GLN A 34 -3.06 7.46 -8.28
C GLN A 34 -2.46 6.07 -8.35
N ASN A 35 -3.19 5.11 -9.00
CA ASN A 35 -2.78 3.69 -9.08
C ASN A 35 -1.34 3.58 -9.57
N GLY A 36 -0.35 3.36 -8.60
CA GLY A 36 1.03 3.24 -8.97
C GLY A 36 1.83 4.48 -8.66
N ALA A 37 1.67 5.18 -7.44
CA ALA A 37 2.51 6.38 -7.20
C ALA A 37 3.92 5.98 -6.81
N ARG A 38 4.86 6.97 -6.74
CA ARG A 38 6.27 6.67 -6.43
C ARG A 38 6.39 6.39 -4.94
N CYS A 39 7.30 5.42 -4.58
CA CYS A 39 7.46 4.96 -3.20
C CYS A 39 8.87 5.28 -2.73
N ASP A 40 9.31 4.69 -1.53
CA ASP A 40 10.68 4.87 -0.98
C ASP A 40 11.64 4.12 -1.89
N TYR A 41 11.00 3.39 -2.85
CA TYR A 41 11.63 2.60 -3.84
C TYR A 41 11.58 3.39 -5.16
N ASN A 42 11.84 4.75 -5.12
CA ASN A 42 11.81 5.63 -6.32
C ASN A 42 13.22 5.73 -6.90
N ALA A 43 14.26 6.03 -6.05
CA ALA A 43 15.64 6.23 -6.53
C ALA A 43 16.53 5.06 -6.11
N VAL A 44 16.00 3.81 -6.25
CA VAL A 44 16.74 2.59 -5.90
C VAL A 44 16.11 1.45 -6.70
N LYS A 45 14.77 1.53 -6.94
CA LYS A 45 14.02 0.52 -7.71
C LYS A 45 12.99 1.33 -8.47
N ASP A 46 11.94 0.67 -9.08
CA ASP A 46 10.86 1.39 -9.78
C ASP A 46 9.78 1.59 -8.73
N GLY A 47 9.20 2.84 -8.62
CA GLY A 47 8.21 3.15 -7.58
C GLY A 47 6.83 3.11 -8.15
N VAL A 48 6.02 2.08 -7.71
CA VAL A 48 4.64 1.90 -8.14
C VAL A 48 3.93 1.52 -6.84
N CYS A 49 3.05 2.42 -6.23
CA CYS A 49 2.36 2.09 -5.00
C CYS A 49 0.87 2.35 -5.06
N ASN A 50 0.06 1.46 -4.33
CA ASN A 50 -1.37 1.68 -4.14
C ASN A 50 -1.94 0.58 -3.28
N GLU A 51 -3.01 0.97 -2.46
CA GLU A 51 -3.80 0.05 -1.63
C GLU A 51 -3.16 -0.22 -0.28
N GLY A 52 -2.78 0.91 0.39
CA GLY A 52 -2.41 0.90 1.78
C GLY A 52 -0.97 0.91 2.19
N LEU A 53 0.02 0.37 1.44
CA LEU A 53 1.39 0.28 2.02
C LEU A 53 2.42 0.71 0.99
N CYS A 54 3.79 0.49 1.24
CA CYS A 54 4.83 0.88 0.28
C CYS A 54 5.12 -0.36 -0.54
N TYR A 55 5.40 -0.15 -1.86
CA TYR A 55 5.57 -1.25 -2.81
C TYR A 55 6.76 -0.94 -3.67
N ALA A 56 7.29 -1.99 -4.35
CA ALA A 56 8.44 -1.86 -5.22
C ALA A 56 8.16 -2.72 -6.43
N SER A 57 8.72 -2.31 -7.61
CA SER A 57 8.59 -3.06 -8.85
C SER A 57 9.98 -3.16 -9.42
N GLY A 58 10.26 -4.29 -10.16
CA GLY A 58 11.59 -4.55 -10.76
C GLY A 58 12.25 -5.64 -9.97
N ASP A 59 12.01 -5.65 -8.62
CA ASP A 59 12.53 -6.68 -7.71
C ASP A 59 11.43 -7.73 -7.57
N SER A 60 11.81 -8.97 -7.11
CA SER A 60 10.85 -10.06 -6.93
C SER A 60 10.63 -10.24 -5.45
N ALA A 61 9.35 -10.08 -5.00
CA ALA A 61 8.99 -10.21 -3.59
C ALA A 61 7.51 -10.46 -3.56
N SER A 62 7.01 -11.02 -2.42
CA SER A 62 5.59 -11.32 -2.25
C SER A 62 5.22 -10.86 -0.86
N ASN A 63 3.96 -10.35 -0.71
CA ASN A 63 3.46 -9.85 0.57
C ASN A 63 2.04 -10.33 0.68
N THR A 64 1.52 -10.40 1.95
CA THR A 64 0.16 -10.83 2.24
C THR A 64 -0.45 -9.76 3.13
N GLN A 65 -1.83 -9.74 3.19
CA GLN A 65 -2.56 -8.76 4.01
C GLN A 65 -2.84 -9.40 5.36
N ASN A 66 -2.17 -8.88 6.43
CA ASN A 66 -2.30 -9.39 7.79
C ASN A 66 -3.05 -8.35 8.63
N GLN A 67 -3.60 -7.28 7.95
CA GLN A 67 -4.34 -6.22 8.63
C GLN A 67 -5.65 -6.05 7.90
N GLY A 68 -6.74 -5.77 8.66
CA GLY A 68 -8.06 -5.57 8.08
C GLY A 68 -8.99 -5.31 9.22
N GLY A 69 -10.26 -4.91 8.89
CA GLY A 69 -11.25 -4.63 9.91
C GLY A 69 -12.39 -3.93 9.25
N SER A 70 -12.91 -4.52 8.14
CA SER A 70 -14.03 -3.94 7.40
C SER A 70 -14.90 -5.11 6.96
N ARG A 71 -16.24 -4.86 6.83
CA ARG A 71 -17.19 -5.88 6.41
C ARG A 71 -18.06 -5.23 5.35
N ARG A 72 -18.33 -6.00 4.24
CA ARG A 72 -19.16 -5.51 3.15
C ARG A 72 -19.71 -6.77 2.49
N GLN A 73 -21.03 -6.77 2.11
CA GLN A 73 -21.66 -7.93 1.48
C GLN A 73 -22.36 -7.42 0.24
N GLU A 74 -22.36 -8.24 -0.86
CA GLU A 74 -23.01 -7.87 -2.13
C GLU A 74 -24.20 -8.79 -2.34
N ASN A 75 -24.37 -9.82 -1.46
CA ASN A 75 -25.47 -10.78 -1.56
C ASN A 75 -25.68 -11.33 -0.16
N GLU A 76 -26.82 -12.07 0.04
CA GLU A 76 -27.18 -12.65 1.34
C GLU A 76 -27.07 -14.17 1.25
N ASP A 77 -26.44 -14.69 0.14
CA ASP A 77 -26.29 -16.15 -0.06
C ASP A 77 -25.06 -16.64 0.70
N GLN A 78 -23.98 -15.77 0.75
CA GLN A 78 -22.70 -16.04 1.43
C GLN A 78 -21.99 -17.24 0.78
N GLY A 79 -21.83 -18.38 1.52
CA GLY A 79 -21.18 -19.56 0.97
C GLY A 79 -21.01 -20.52 2.10
N ASP A 80 -20.47 -21.73 1.78
CA ASP A 80 -20.23 -22.78 2.78
C ASP A 80 -18.86 -23.34 2.48
N ASP A 81 -18.09 -23.72 3.55
CA ASP A 81 -16.75 -24.29 3.39
C ASP A 81 -16.72 -25.52 4.28
N GLU A 82 -16.07 -26.64 3.79
CA GLU A 82 -15.97 -27.89 4.55
C GLU A 82 -14.73 -27.88 5.44
N TRP A 83 -13.78 -26.92 5.20
CA TRP A 83 -12.54 -26.81 5.98
C TRP A 83 -12.68 -25.65 6.97
N ASP A 84 -13.93 -25.04 7.06
CA ASP A 84 -14.25 -23.90 7.96
C ASP A 84 -13.42 -22.67 7.56
N ARG A 85 -12.63 -22.07 8.51
CA ARG A 85 -11.79 -20.90 8.24
C ARG A 85 -10.45 -21.21 8.87
N LYS A 86 -9.35 -20.67 8.27
CA LYS A 86 -7.99 -20.89 8.80
C LYS A 86 -7.13 -19.69 8.32
#